data_5AC4
#
_entry.id   5AC4
#
_cell.length_a   95.550
_cell.length_b   99.050
_cell.length_c   133.450
_cell.angle_alpha   90.00
_cell.angle_beta   90.00
_cell.angle_gamma   90.00
#
_symmetry.space_group_name_H-M   'P 21 21 21'
#
loop_
_entity.id
_entity.type
_entity.pdbx_description
1 polymer N-ACETYL-BETA-D-GLUCOSAMINIDASE
2 non-polymer 2-acetamido-2-deoxy-beta-D-galactopyranose
3 water water
#
_entity_poly.entity_id   1
_entity_poly.type   'polypeptide(L)'
_entity_poly.pdbx_seq_one_letter_code
;MGSSHHHHHHSSGLVPRGSHMASMVRFTGLSLKQTQAIEVLKGHISLPDVEVAVTQSDQASISIEGEEGHYQLTYRKPHQ
LYRALSLLVTVLAEADKVEIEEQAAYEDLAYMVDCSRNAVLNVASAKQMIEILALMGYSTFELYMEDTYQIEGQPYFGYF
RGAYSAEELQEIEAYAQQFDVTFVPCIQTLAHLSAFVKWGVKEVQELRDVEDILLIGEEKVYDLIDGMFATLSKLKTRKV
NIGMDQAHLVGLGRYLILNGVVDRSLLMCQHLERVLDIADKYGFHCQMWSDMFFKLMSADGQYDRDVEIPEETRVYLDRL
KDRVTLVYWDYYQDSEEKYNRNFRNHHKISHDLAFAGGAWKWIGFTPHNHFSRLVAIEANKACRANQIKEVIVTGWGDNG
GETAQFSILPSLQIWAELSYRNDLDGLSAHFKTNTGLTVEDFMQIDLANLLPDLPGNLSGINPNRYVFYQDILCPILDQH
MTPEQDKPHFAQAAETLANIKEKAGNYAYLFETQAQLNAILSSKVDVGRRIRQAYQADDKESLQQIARQELPELRSQIED
FHALFSHQWLKENKVFGLDTVDIRMGGLLQRIKRAESRIEVYLAGQLDRIDELEVEILPFTDFYADKDFAATTANQWHTI
ATASTIYTT
;
_entity_poly.pdbx_strand_id   A,B
#
# COMPACT_ATOMS: atom_id res chain seq x y z
N VAL A 25 49.21 2.31 27.41
CA VAL A 25 49.68 1.74 26.09
C VAL A 25 50.74 2.67 25.52
N ARG A 26 51.91 2.14 25.21
CA ARG A 26 52.96 2.91 24.50
C ARG A 26 53.16 2.33 23.09
N PHE A 27 53.01 3.15 22.07
CA PHE A 27 53.19 2.72 20.68
C PHE A 27 54.40 3.37 20.03
N THR A 28 55.17 2.59 19.29
CA THR A 28 56.17 3.16 18.40
C THR A 28 55.81 2.84 16.95
N GLY A 29 56.15 3.78 16.06
CA GLY A 29 56.00 3.59 14.62
C GLY A 29 54.68 4.12 14.03
N LEU A 30 53.84 4.76 14.82
CA LEU A 30 52.58 5.29 14.27
C LEU A 30 52.72 6.65 13.65
N SER A 31 51.90 6.93 12.63
CA SER A 31 51.69 8.28 12.15
C SER A 31 50.72 9.00 13.09
N LEU A 32 50.61 10.32 12.93
CA LEU A 32 49.65 11.11 13.69
C LEU A 32 48.22 10.64 13.39
N LYS A 33 47.95 10.40 12.10
CA LYS A 33 46.67 9.87 11.71
C LYS A 33 46.32 8.61 12.50
N GLN A 34 47.24 7.67 12.58
CA GLN A 34 46.96 6.43 13.31
C GLN A 34 46.78 6.63 14.81
N THR A 35 47.61 7.48 15.42
CA THR A 35 47.47 7.74 16.85
C THR A 35 46.10 8.41 17.15
N GLN A 36 45.67 9.32 16.29
CA GLN A 36 44.34 9.94 16.46
C GLN A 36 43.19 8.93 16.30
N ALA A 37 43.34 8.02 15.33
CA ALA A 37 42.34 6.96 15.10
C ALA A 37 42.22 6.11 16.35
N ILE A 38 43.36 5.72 16.90
CA ILE A 38 43.42 4.93 18.12
C ILE A 38 42.75 5.64 19.31
N GLU A 39 43.02 6.94 19.46
CA GLU A 39 42.29 7.71 20.46
C GLU A 39 40.79 7.54 20.35
N VAL A 40 40.25 7.57 19.13
CA VAL A 40 38.82 7.43 18.94
C VAL A 40 38.40 6.05 19.41
N LEU A 41 39.17 5.03 19.04
CA LEU A 41 38.79 3.66 19.34
C LEU A 41 38.89 3.27 20.81
N LYS A 42 39.60 4.06 21.62
CA LYS A 42 39.61 3.87 23.07
C LYS A 42 38.24 4.06 23.67
N GLY A 43 37.32 4.71 22.95
CA GLY A 43 35.93 4.73 23.36
C GLY A 43 35.23 3.37 23.29
N HIS A 44 35.83 2.39 22.61
CA HIS A 44 35.27 1.03 22.52
C HIS A 44 36.11 -0.04 23.21
N ILE A 45 37.44 0.03 23.08
CA ILE A 45 38.31 -1.01 23.64
C ILE A 45 39.26 -0.44 24.66
N SER A 46 39.73 -1.30 25.58
CA SER A 46 40.70 -0.92 26.64
C SER A 46 42.08 -1.39 26.28
N LEU A 47 42.97 -0.49 25.88
CA LEU A 47 44.37 -0.86 25.60
C LEU A 47 45.10 -1.04 26.93
N PRO A 48 45.71 -2.22 27.18
CA PRO A 48 46.47 -2.37 28.42
C PRO A 48 47.81 -1.65 28.37
N ASP A 49 48.52 -1.71 29.49
CA ASP A 49 49.76 -1.01 29.69
C ASP A 49 50.89 -1.85 29.16
N VAL A 50 51.09 -1.76 27.84
CA VAL A 50 52.15 -2.52 27.15
C VAL A 50 52.83 -1.63 26.11
N GLU A 51 53.97 -2.10 25.60
CA GLU A 51 54.68 -1.45 24.50
C GLU A 51 54.50 -2.24 23.22
N VAL A 52 54.09 -1.55 22.16
CA VAL A 52 53.81 -2.16 20.88
C VAL A 52 54.55 -1.42 19.75
N ALA A 53 55.44 -2.12 19.08
CA ALA A 53 56.08 -1.57 17.89
C ALA A 53 55.22 -1.88 16.67
N VAL A 54 54.85 -0.86 15.90
CA VAL A 54 53.95 -1.06 14.76
C VAL A 54 54.68 -0.85 13.44
N THR A 55 54.50 -1.76 12.48
CA THR A 55 54.90 -1.49 11.08
C THR A 55 53.97 -2.14 10.06
N GLN A 56 54.00 -1.58 8.85
CA GLN A 56 53.40 -2.20 7.70
C GLN A 56 54.31 -3.34 7.26
N SER A 57 53.72 -4.47 6.91
CA SER A 57 54.44 -5.54 6.27
C SER A 57 53.50 -6.40 5.45
N ASP A 58 53.95 -6.80 4.27
CA ASP A 58 53.20 -7.70 3.38
C ASP A 58 53.11 -9.13 3.86
N GLN A 59 53.83 -9.45 4.92
CA GLN A 59 53.97 -10.81 5.37
C GLN A 59 52.62 -11.44 5.74
N ALA A 60 51.75 -10.65 6.34
CA ALA A 60 50.45 -11.11 6.79
C ALA A 60 49.46 -9.95 6.82
N SER A 61 48.18 -10.28 6.80
CA SER A 61 47.14 -9.26 7.01
C SER A 61 47.38 -8.67 8.39
N ILE A 62 47.53 -9.55 9.37
CA ILE A 62 47.87 -9.12 10.71
C ILE A 62 48.85 -10.11 11.33
N SER A 63 49.93 -9.58 11.94
CA SER A 63 50.79 -10.39 12.80
CA SER A 63 50.80 -10.39 12.79
C SER A 63 51.06 -9.66 14.09
N ILE A 64 51.01 -10.39 15.19
CA ILE A 64 51.34 -9.87 16.49
C ILE A 64 52.22 -10.93 17.17
N GLU A 65 53.38 -10.49 17.63
CA GLU A 65 54.27 -11.32 18.37
C GLU A 65 54.79 -10.57 19.59
N GLY A 66 55.35 -11.34 20.54
CA GLY A 66 56.11 -10.81 21.64
C GLY A 66 55.61 -11.37 22.96
N GLU A 67 56.16 -10.84 24.05
CA GLU A 67 55.81 -11.30 25.38
C GLU A 67 56.29 -10.31 26.42
N GLU A 68 55.88 -10.57 27.66
CA GLU A 68 56.28 -9.78 28.82
C GLU A 68 56.11 -8.28 28.59
N GLY A 69 54.99 -7.91 27.97
CA GLY A 69 54.66 -6.50 27.77
C GLY A 69 55.29 -5.77 26.58
N HIS A 70 56.11 -6.47 25.79
CA HIS A 70 56.77 -5.84 24.62
C HIS A 70 56.40 -6.59 23.35
N TYR A 71 55.67 -5.94 22.45
CA TYR A 71 55.07 -6.65 21.30
C TYR A 71 55.38 -5.98 19.97
N GLN A 72 55.36 -6.78 18.92
CA GLN A 72 55.61 -6.33 17.55
C GLN A 72 54.35 -6.64 16.76
N LEU A 73 53.79 -5.61 16.14
CA LEU A 73 52.50 -5.71 15.46
C LEU A 73 52.73 -5.28 14.04
N THR A 74 52.32 -6.10 13.07
CA THR A 74 52.35 -5.65 11.67
C THR A 74 50.99 -5.82 11.01
N TYR A 75 50.73 -4.95 10.02
CA TYR A 75 49.53 -5.02 9.21
C TYR A 75 49.93 -4.95 7.75
N ARG A 76 49.20 -5.62 6.88
CA ARG A 76 49.42 -5.47 5.43
C ARG A 76 48.84 -4.14 4.93
N LYS A 77 47.57 -3.91 5.24
CA LYS A 77 46.83 -2.73 4.80
C LYS A 77 46.48 -1.87 6.02
N PRO A 78 46.67 -0.55 5.94
CA PRO A 78 46.45 0.41 7.03
C PRO A 78 45.23 0.19 7.93
N HIS A 79 44.07 -0.10 7.35
CA HIS A 79 42.85 -0.29 8.15
C HIS A 79 42.96 -1.52 9.04
N GLN A 80 43.84 -2.46 8.68
CA GLN A 80 44.00 -3.67 9.47
C GLN A 80 44.68 -3.47 10.82
N LEU A 81 45.32 -2.32 10.99
CA LEU A 81 45.79 -1.94 12.33
C LEU A 81 44.66 -2.02 13.38
N TYR A 82 43.44 -1.68 13.02
CA TYR A 82 42.42 -1.51 14.05
C TYR A 82 41.87 -2.84 14.51
N ARG A 83 41.70 -3.78 13.59
CA ARG A 83 41.40 -5.16 13.99
C ARG A 83 42.57 -5.71 14.80
N ALA A 84 43.81 -5.43 14.39
CA ALA A 84 44.97 -5.95 15.13
C ALA A 84 44.91 -5.55 16.59
N LEU A 85 44.53 -4.30 16.84
CA LEU A 85 44.45 -3.82 18.22
C LEU A 85 43.36 -4.52 19.04
N SER A 86 42.25 -4.84 18.40
CA SER A 86 41.20 -5.62 19.04
C SER A 86 41.69 -7.02 19.39
N LEU A 87 42.42 -7.65 18.48
CA LEU A 87 43.05 -8.94 18.75
C LEU A 87 44.03 -8.79 19.91
N LEU A 88 44.86 -7.76 19.87
CA LEU A 88 45.85 -7.57 20.93
C LEU A 88 45.17 -7.48 22.30
N VAL A 89 44.16 -6.61 22.41
CA VAL A 89 43.45 -6.44 23.68
C VAL A 89 42.87 -7.75 24.17
N THR A 90 42.24 -8.48 23.26
CA THR A 90 41.65 -9.77 23.56
C THR A 90 42.66 -10.75 24.09
N VAL A 91 43.70 -11.04 23.32
CA VAL A 91 44.64 -12.10 23.70
C VAL A 91 45.48 -11.80 24.98
N LEU A 92 45.65 -10.52 25.30
CA LEU A 92 46.39 -10.14 26.52
C LEU A 92 45.63 -10.31 27.82
N ALA A 93 44.30 -10.37 27.78
CA ALA A 93 43.54 -10.79 28.96
C ALA A 93 43.86 -12.25 29.28
N GLU A 94 44.20 -13.03 28.27
CA GLU A 94 44.37 -14.48 28.38
C GLU A 94 45.80 -14.93 28.69
N ALA A 95 46.77 -14.22 28.14
CA ALA A 95 48.14 -14.66 28.20
C ALA A 95 49.09 -13.51 27.95
N ASP A 96 50.33 -13.76 28.31
CA ASP A 96 51.38 -12.78 28.21
C ASP A 96 52.09 -12.90 26.84
N LYS A 97 52.19 -14.14 26.36
CA LYS A 97 52.82 -14.44 25.09
C LYS A 97 51.77 -14.43 23.96
N VAL A 98 52.12 -13.77 22.84
CA VAL A 98 51.21 -13.64 21.69
C VAL A 98 51.85 -14.15 20.40
N GLU A 99 51.12 -14.99 19.68
CA GLU A 99 51.53 -15.49 18.36
C GLU A 99 50.28 -15.42 17.48
N ILE A 100 50.08 -14.31 16.81
CA ILE A 100 48.89 -14.17 15.97
C ILE A 100 49.38 -13.96 14.57
N GLU A 101 48.77 -14.67 13.63
CA GLU A 101 48.99 -14.38 12.23
C GLU A 101 47.69 -14.64 11.49
N GLU A 102 47.20 -13.63 10.77
CA GLU A 102 45.94 -13.73 10.07
C GLU A 102 46.19 -13.46 8.60
N GLN A 103 45.57 -14.25 7.74
CA GLN A 103 45.62 -14.02 6.29
C GLN A 103 44.20 -13.92 5.79
N ALA A 104 43.73 -12.70 5.58
CA ALA A 104 42.35 -12.46 5.14
C ALA A 104 42.12 -13.08 3.77
N ALA A 105 41.01 -13.79 3.62
CA ALA A 105 40.68 -14.39 2.33
C ALA A 105 40.16 -13.37 1.31
N TYR A 106 39.71 -12.20 1.75
CA TYR A 106 39.06 -11.26 0.81
C TYR A 106 39.80 -9.95 0.74
N GLU A 107 40.05 -9.53 -0.49
CA GLU A 107 40.69 -8.25 -0.76
C GLU A 107 39.89 -7.13 -0.10
N ASP A 108 38.57 -7.26 -0.13
CA ASP A 108 37.69 -6.31 0.53
C ASP A 108 36.55 -7.02 1.21
N LEU A 109 36.22 -6.55 2.40
CA LEU A 109 35.03 -6.96 3.12
C LEU A 109 34.21 -5.70 3.49
N ALA A 110 32.95 -5.65 3.09
CA ALA A 110 32.17 -4.42 3.24
C ALA A 110 30.87 -4.66 3.99
N TYR A 111 30.35 -3.60 4.60
CA TYR A 111 29.02 -3.67 5.19
C TYR A 111 28.18 -2.58 4.56
N MET A 112 27.00 -2.97 4.08
CA MET A 112 26.10 -2.06 3.37
C MET A 112 24.83 -1.90 4.20
N VAL A 113 24.61 -0.68 4.66
CA VAL A 113 23.41 -0.32 5.44
C VAL A 113 22.31 0.15 4.52
N ASP A 114 21.08 -0.34 4.72
CA ASP A 114 19.90 0.11 3.96
C ASP A 114 19.47 1.47 4.46
N CYS A 115 19.55 2.49 3.62
CA CYS A 115 19.02 3.81 3.96
C CYS A 115 17.84 4.23 3.06
N SER A 116 17.14 3.24 2.52
CA SER A 116 16.04 3.47 1.55
C SER A 116 14.69 2.92 1.97
N ARG A 117 14.66 2.18 3.08
CA ARG A 117 13.43 1.53 3.57
C ARG A 117 12.74 2.32 4.68
N ASN A 118 13.10 3.60 4.79
CA ASN A 118 12.52 4.61 5.72
C ASN A 118 13.50 5.04 6.79
N ALA A 119 14.40 4.12 7.18
CA ALA A 119 15.44 4.39 8.16
C ALA A 119 16.71 4.88 7.50
N VAL A 120 16.99 6.16 7.66
CA VAL A 120 18.22 6.78 7.16
C VAL A 120 19.17 6.92 8.34
N LEU A 121 20.26 6.15 8.31
CA LEU A 121 21.24 6.14 9.40
C LEU A 121 21.71 7.57 9.61
N ASN A 122 21.67 8.06 10.85
CA ASN A 122 22.09 9.43 11.05
C ASN A 122 23.60 9.50 11.09
N VAL A 123 24.14 10.69 10.92
CA VAL A 123 25.59 10.83 10.79
C VAL A 123 26.34 10.34 12.03
N ALA A 124 25.83 10.67 13.22
CA ALA A 124 26.47 10.24 14.44
C ALA A 124 26.54 8.70 14.52
N SER A 125 25.49 8.03 14.05
CA SER A 125 25.42 6.57 14.09
C SER A 125 26.29 5.96 12.99
N ALA A 126 26.39 6.66 11.87
CA ALA A 126 27.29 6.22 10.81
C ALA A 126 28.75 6.20 11.34
N LYS A 127 29.10 7.18 12.16
CA LYS A 127 30.44 7.27 12.72
C LYS A 127 30.71 6.13 13.69
N GLN A 128 29.75 5.82 14.56
CA GLN A 128 29.86 4.69 15.47
C GLN A 128 30.02 3.41 14.69
N MET A 129 29.18 3.24 13.66
CA MET A 129 29.21 2.02 12.83
C MET A 129 30.59 1.85 12.19
N ILE A 130 31.15 2.93 11.65
CA ILE A 130 32.49 2.91 11.05
C ILE A 130 33.58 2.47 12.03
N GLU A 131 33.48 2.98 13.26
CA GLU A 131 34.45 2.67 14.32
C GLU A 131 34.43 1.17 14.58
N ILE A 132 33.22 0.62 14.71
CA ILE A 132 33.06 -0.80 14.97
C ILE A 132 33.55 -1.65 13.80
N LEU A 133 33.19 -1.27 12.60
CA LEU A 133 33.66 -1.99 11.42
C LEU A 133 35.19 -2.00 11.33
N ALA A 134 35.81 -0.89 11.71
CA ALA A 134 37.24 -0.80 11.69
C ALA A 134 37.85 -1.75 12.71
N LEU A 135 37.27 -1.82 13.90
CA LEU A 135 37.72 -2.80 14.90
C LEU A 135 37.53 -4.23 14.44
N MET A 136 36.50 -4.46 13.62
CA MET A 136 36.19 -5.82 13.18
C MET A 136 37.07 -6.28 12.03
N GLY A 137 37.52 -5.34 11.20
CA GLY A 137 38.38 -5.63 10.07
C GLY A 137 37.77 -5.36 8.69
N TYR A 138 36.65 -4.67 8.65
CA TYR A 138 36.04 -4.33 7.36
C TYR A 138 36.89 -3.28 6.66
N SER A 139 37.00 -3.37 5.34
CA SER A 139 37.73 -2.38 4.59
C SER A 139 36.83 -1.28 4.07
N THR A 140 35.52 -1.54 4.05
CA THR A 140 34.58 -0.77 3.26
C THR A 140 33.26 -0.58 3.97
N PHE A 141 32.75 0.66 3.95
CA PHE A 141 31.46 0.99 4.47
C PHE A 141 30.56 1.46 3.32
N GLU A 142 29.31 1.00 3.29
CA GLU A 142 28.39 1.36 2.17
C GLU A 142 27.00 1.70 2.68
N LEU A 143 26.36 2.66 1.99
CA LEU A 143 24.99 3.02 2.25
C LEU A 143 24.19 2.75 0.98
N TYR A 144 23.02 2.14 1.13
CA TYR A 144 22.13 1.87 -0.01
C TYR A 144 21.05 2.94 -0.02
N MET A 145 21.13 3.78 -1.05
CA MET A 145 20.30 4.95 -1.19
C MET A 145 19.63 4.90 -2.55
N GLU A 146 18.32 4.61 -2.56
CA GLU A 146 17.53 4.62 -3.79
C GLU A 146 17.26 6.06 -4.20
N ASP A 147 16.52 6.76 -3.34
CA ASP A 147 16.20 8.15 -3.53
C ASP A 147 16.73 8.99 -2.39
N THR A 148 17.52 8.41 -1.50
CA THR A 148 17.87 9.11 -0.28
C THR A 148 19.24 9.79 -0.31
N TYR A 149 19.56 10.40 -1.45
CA TYR A 149 20.66 11.37 -1.56
C TYR A 149 20.19 12.48 -2.48
N GLN A 150 20.62 13.71 -2.20
CA GLN A 150 20.15 14.88 -2.89
C GLN A 150 20.82 15.04 -4.23
N ILE A 151 20.02 15.38 -5.23
CA ILE A 151 20.49 15.67 -6.58
C ILE A 151 20.01 17.08 -6.97
N GLU A 152 20.95 17.91 -7.40
CA GLU A 152 20.66 19.29 -7.76
C GLU A 152 19.67 19.27 -8.90
N GLY A 153 18.68 20.14 -8.84
CA GLY A 153 17.65 20.24 -9.86
C GLY A 153 16.60 19.14 -9.83
N GLN A 154 16.60 18.28 -8.80
CA GLN A 154 15.60 17.19 -8.65
C GLN A 154 14.95 17.24 -7.26
N PRO A 155 14.13 18.26 -7.02
CA PRO A 155 13.61 18.49 -5.69
C PRO A 155 12.70 17.39 -5.16
N TYR A 156 12.09 16.56 -6.03
CA TYR A 156 11.23 15.48 -5.56
C TYR A 156 12.03 14.23 -5.19
N PHE A 157 13.29 14.17 -5.64
CA PHE A 157 14.16 13.04 -5.35
C PHE A 157 14.64 13.07 -3.90
N GLY A 158 13.99 12.22 -3.07
CA GLY A 158 14.28 12.15 -1.65
C GLY A 158 13.49 13.09 -0.76
N TYR A 159 12.48 13.73 -1.35
CA TYR A 159 11.67 14.73 -0.70
C TYR A 159 10.94 14.15 0.49
N PHE A 160 11.15 14.78 1.65
CA PHE A 160 10.63 14.32 2.96
C PHE A 160 11.12 12.93 3.39
N ARG A 161 12.22 12.46 2.77
CA ARG A 161 12.78 11.16 3.08
C ARG A 161 14.04 11.24 3.94
N GLY A 162 14.51 12.44 4.23
CA GLY A 162 15.77 12.61 4.93
C GLY A 162 16.97 12.31 4.03
N ALA A 163 16.85 12.59 2.74
CA ALA A 163 17.94 12.34 1.79
C ALA A 163 19.23 12.96 2.29
N TYR A 164 20.33 12.24 2.19
CA TYR A 164 21.61 12.82 2.60
C TYR A 164 22.00 13.98 1.68
N SER A 165 22.45 15.08 2.27
CA SER A 165 23.08 16.15 1.52
C SER A 165 24.44 15.64 1.05
N ALA A 166 25.00 16.27 0.03
CA ALA A 166 26.33 15.93 -0.42
C ALA A 166 27.34 16.12 0.72
N GLU A 167 27.10 17.14 1.53
CA GLU A 167 27.96 17.44 2.67
C GLU A 167 27.92 16.33 3.72
N GLU A 168 26.74 15.76 3.98
CA GLU A 168 26.63 14.67 4.94
C GLU A 168 27.38 13.46 4.43
N LEU A 169 27.21 13.14 3.14
CA LEU A 169 27.95 12.02 2.55
C LEU A 169 29.44 12.24 2.63
N GLN A 170 29.89 13.46 2.30
CA GLN A 170 31.30 13.81 2.41
C GLN A 170 31.81 13.65 3.82
N GLU A 171 31.02 14.08 4.81
CA GLU A 171 31.42 13.97 6.22
C GLU A 171 31.56 12.50 6.63
N ILE A 172 30.58 11.69 6.22
CA ILE A 172 30.59 10.28 6.52
C ILE A 172 31.82 9.60 5.90
N GLU A 173 32.06 9.87 4.63
CA GLU A 173 33.21 9.29 3.94
C GLU A 173 34.52 9.72 4.56
N ALA A 174 34.62 11.01 4.88
CA ALA A 174 35.86 11.54 5.47
C ALA A 174 36.06 10.88 6.81
N TYR A 175 34.99 10.58 7.54
CA TYR A 175 35.16 9.95 8.83
C TYR A 175 35.73 8.55 8.64
N ALA A 176 35.21 7.82 7.66
CA ALA A 176 35.69 6.46 7.37
C ALA A 176 37.17 6.49 6.96
N GLN A 177 37.52 7.47 6.14
CA GLN A 177 38.89 7.68 5.73
C GLN A 177 39.87 7.90 6.92
N GLN A 178 39.39 8.49 8.01
CA GLN A 178 40.21 8.56 9.25
C GLN A 178 40.77 7.19 9.67
N PHE A 179 40.06 6.12 9.35
CA PHE A 179 40.44 4.73 9.70
C PHE A 179 40.91 3.89 8.50
N ASP A 180 41.22 4.59 7.40
CA ASP A 180 41.50 3.96 6.11
C ASP A 180 40.45 2.97 5.64
N VAL A 181 39.20 3.28 5.93
CA VAL A 181 38.04 2.55 5.44
C VAL A 181 37.48 3.34 4.26
N THR A 182 37.21 2.65 3.16
CA THR A 182 36.73 3.30 1.96
C THR A 182 35.23 3.33 1.98
N PHE A 183 34.65 4.23 1.19
CA PHE A 183 33.21 4.39 1.15
C PHE A 183 32.70 4.01 -0.23
N VAL A 184 31.63 3.23 -0.28
CA VAL A 184 31.02 2.91 -1.55
C VAL A 184 29.53 3.16 -1.49
N PRO A 185 29.02 4.11 -2.29
CA PRO A 185 27.58 4.24 -2.31
C PRO A 185 26.95 3.17 -3.19
N CYS A 186 25.79 2.69 -2.75
CA CYS A 186 24.96 1.77 -3.52
C CYS A 186 23.69 2.55 -3.89
N ILE A 187 23.53 2.78 -5.18
CA ILE A 187 22.41 3.58 -5.69
C ILE A 187 21.51 2.73 -6.59
N GLN A 188 20.50 3.36 -7.18
CA GLN A 188 19.68 2.68 -8.16
C GLN A 188 19.61 3.48 -9.43
N THR A 189 19.87 2.80 -10.55
CA THR A 189 19.85 3.40 -11.85
C THR A 189 18.85 2.69 -12.78
N LEU A 190 17.93 1.90 -12.23
CA LEU A 190 16.90 1.27 -13.04
C LEU A 190 15.60 1.13 -12.29
N ALA A 191 15.56 0.24 -11.31
CA ALA A 191 14.35 0.01 -10.53
C ALA A 191 14.62 0.35 -9.07
N HIS A 192 13.72 -0.09 -8.20
CA HIS A 192 13.76 0.26 -6.78
C HIS A 192 13.79 1.79 -6.55
N LEU A 193 12.98 2.53 -7.30
CA LEU A 193 12.85 3.97 -7.09
C LEU A 193 11.41 4.41 -6.79
N SER A 194 10.69 3.56 -6.06
CA SER A 194 9.24 3.73 -5.85
C SER A 194 8.91 5.01 -5.14
N ALA A 195 9.75 5.41 -4.19
CA ALA A 195 9.47 6.59 -3.36
C ALA A 195 9.70 7.89 -4.16
N PHE A 196 10.44 7.80 -5.25
CA PHE A 196 10.64 8.96 -6.14
C PHE A 196 9.56 9.00 -7.22
N VAL A 197 9.37 7.89 -7.90
CA VAL A 197 8.49 7.87 -9.07
C VAL A 197 7.01 8.04 -8.75
N LYS A 198 6.62 7.94 -7.47
CA LYS A 198 5.22 8.21 -7.12
C LYS A 198 4.79 9.68 -7.27
N TRP A 199 5.73 10.61 -7.33
CA TRP A 199 5.38 12.04 -7.33
C TRP A 199 4.73 12.45 -8.68
N GLY A 200 3.47 12.88 -8.60
CA GLY A 200 2.65 13.16 -9.79
C GLY A 200 2.90 14.53 -10.38
N VAL A 201 4.13 14.74 -10.82
CA VAL A 201 4.52 15.90 -11.62
C VAL A 201 5.16 15.40 -12.90
N LYS A 202 5.00 16.15 -13.99
CA LYS A 202 5.46 15.72 -15.29
C LYS A 202 6.96 15.37 -15.32
N GLU A 203 7.77 16.16 -14.62
CA GLU A 203 9.21 15.99 -14.59
C GLU A 203 9.62 14.64 -14.00
N VAL A 204 8.75 14.03 -13.21
CA VAL A 204 8.97 12.69 -12.66
C VAL A 204 8.23 11.60 -13.44
N GLN A 205 6.96 11.82 -13.75
CA GLN A 205 6.17 10.81 -14.50
C GLN A 205 6.77 10.48 -15.87
N GLU A 206 7.39 11.46 -16.52
CA GLU A 206 7.99 11.25 -17.83
C GLU A 206 9.27 10.37 -17.79
N LEU A 207 9.72 10.04 -16.59
CA LEU A 207 10.90 9.20 -16.39
C LEU A 207 10.54 7.73 -16.19
N ARG A 208 9.26 7.40 -16.24
CA ARG A 208 8.78 6.10 -15.82
C ARG A 208 8.47 5.13 -16.96
N ASP A 209 8.86 3.86 -16.77
CA ASP A 209 8.36 2.76 -17.58
C ASP A 209 7.10 2.19 -16.92
N VAL A 210 7.25 1.59 -15.75
CA VAL A 210 6.20 0.86 -15.08
C VAL A 210 6.67 0.57 -13.66
N GLU A 211 5.72 0.47 -12.73
CA GLU A 211 6.00 0.21 -11.32
C GLU A 211 7.10 1.16 -10.82
N ASP A 212 8.23 0.58 -10.37
CA ASP A 212 9.32 1.31 -9.73
C ASP A 212 10.50 1.45 -10.69
N ILE A 213 10.22 1.29 -11.99
CA ILE A 213 11.26 1.22 -13.03
C ILE A 213 11.31 2.48 -13.90
N LEU A 214 12.53 3.01 -14.08
CA LEU A 214 12.77 4.11 -15.00
C LEU A 214 12.69 3.67 -16.47
N LEU A 215 12.38 4.65 -17.32
CA LEU A 215 12.18 4.43 -18.75
C LEU A 215 13.53 4.38 -19.53
N ILE A 216 13.93 3.17 -19.91
CA ILE A 216 15.14 3.01 -20.69
C ILE A 216 14.94 3.77 -22.00
N GLY A 217 15.98 4.48 -22.42
CA GLY A 217 16.01 5.13 -23.72
C GLY A 217 15.57 6.58 -23.70
N GLU A 218 14.98 7.02 -22.59
CA GLU A 218 14.47 8.37 -22.51
C GLU A 218 15.62 9.26 -22.04
N GLU A 219 15.92 10.30 -22.80
CA GLU A 219 17.10 11.12 -22.50
C GLU A 219 17.01 11.82 -21.15
N LYS A 220 15.79 12.15 -20.69
CA LYS A 220 15.59 12.76 -19.36
C LYS A 220 15.96 11.78 -18.25
N VAL A 221 15.82 10.49 -18.51
CA VAL A 221 16.30 9.48 -17.54
C VAL A 221 17.82 9.54 -17.45
N TYR A 222 18.50 9.64 -18.57
CA TYR A 222 19.96 9.75 -18.54
C TYR A 222 20.43 11.10 -17.97
N ASP A 223 19.63 12.16 -18.10
CA ASP A 223 19.91 13.40 -17.38
C ASP A 223 19.83 13.20 -15.85
N LEU A 224 18.81 12.49 -15.38
CA LEU A 224 18.72 12.12 -13.95
C LEU A 224 19.93 11.35 -13.50
N ILE A 225 20.28 10.31 -14.25
CA ILE A 225 21.40 9.44 -13.87
C ILE A 225 22.74 10.21 -13.91
N ASP A 226 22.85 11.13 -14.88
CA ASP A 226 24.02 11.99 -14.88
C ASP A 226 24.04 12.84 -13.59
N GLY A 227 22.86 13.32 -13.19
CA GLY A 227 22.70 14.01 -11.92
C GLY A 227 23.10 13.17 -10.71
N MET A 228 22.75 11.89 -10.70
CA MET A 228 23.21 10.99 -9.63
C MET A 228 24.74 10.98 -9.51
N PHE A 229 25.41 10.83 -10.64
CA PHE A 229 26.87 10.77 -10.62
C PHE A 229 27.50 12.14 -10.32
N ALA A 230 26.84 13.24 -10.67
CA ALA A 230 27.37 14.56 -10.36
C ALA A 230 27.42 14.67 -8.83
N THR A 231 26.33 14.29 -8.16
CA THR A 231 26.34 14.30 -6.71
C THR A 231 27.45 13.40 -6.19
N LEU A 232 27.47 12.14 -6.60
CA LEU A 232 28.47 11.20 -6.08
C LEU A 232 29.92 11.63 -6.39
N SER A 233 30.14 12.38 -7.47
CA SER A 233 31.51 12.78 -7.83
C SER A 233 32.07 13.77 -6.86
N LYS A 234 31.22 14.32 -5.98
CA LYS A 234 31.69 15.20 -4.93
C LYS A 234 32.41 14.47 -3.80
N LEU A 235 32.30 13.15 -3.79
CA LEU A 235 33.02 12.31 -2.85
C LEU A 235 34.39 12.04 -3.41
N LYS A 236 35.27 11.56 -2.54
CA LYS A 236 36.57 11.06 -2.96
C LYS A 236 36.44 9.71 -3.70
N THR A 237 35.62 8.81 -3.17
CA THR A 237 35.50 7.47 -3.74
C THR A 237 35.14 7.51 -5.23
N ARG A 238 35.71 6.58 -5.99
CA ARG A 238 35.36 6.38 -7.41
C ARG A 238 34.88 4.93 -7.66
N LYS A 239 34.26 4.36 -6.62
CA LYS A 239 33.66 3.03 -6.69
C LYS A 239 32.21 3.14 -6.29
N VAL A 240 31.32 2.56 -7.11
CA VAL A 240 29.88 2.67 -6.90
C VAL A 240 29.15 1.39 -7.32
N ASN A 241 28.11 1.02 -6.55
CA ASN A 241 27.17 -0.04 -6.95
C ASN A 241 25.92 0.63 -7.56
N ILE A 242 25.73 0.44 -8.86
CA ILE A 242 24.68 1.11 -9.60
C ILE A 242 23.30 0.43 -9.54
N GLY A 243 23.23 -0.68 -8.81
CA GLY A 243 22.00 -1.39 -8.61
C GLY A 243 21.59 -2.27 -9.78
N MET A 244 20.38 -2.04 -10.26
CA MET A 244 19.76 -2.74 -11.42
C MET A 244 19.21 -4.14 -11.12
N ASP A 245 18.95 -4.40 -9.85
CA ASP A 245 18.25 -5.61 -9.44
C ASP A 245 16.74 -5.45 -9.59
N GLN A 246 16.07 -6.58 -9.79
CA GLN A 246 14.61 -6.69 -9.62
C GLN A 246 13.79 -5.70 -10.45
N ALA A 247 14.09 -5.58 -11.73
CA ALA A 247 13.35 -4.72 -12.64
C ALA A 247 12.47 -5.65 -13.47
N HIS A 248 11.56 -6.34 -12.79
CA HIS A 248 10.90 -7.49 -13.38
C HIS A 248 10.11 -7.20 -14.65
N LEU A 249 9.39 -6.09 -14.70
CA LEU A 249 8.60 -5.78 -15.91
C LEU A 249 9.31 -4.77 -16.82
N VAL A 250 10.63 -4.64 -16.70
CA VAL A 250 11.37 -3.71 -17.56
C VAL A 250 11.00 -3.90 -19.03
N GLY A 251 10.64 -2.81 -19.69
CA GLY A 251 10.35 -2.83 -21.13
C GLY A 251 8.90 -3.15 -21.48
N LEU A 252 8.07 -3.34 -20.45
CA LEU A 252 6.70 -3.80 -20.64
C LEU A 252 5.59 -2.79 -20.27
N GLY A 253 5.95 -1.58 -19.86
CA GLY A 253 4.96 -0.56 -19.50
C GLY A 253 4.96 0.53 -20.54
N ARG A 254 5.30 1.74 -20.11
CA ARG A 254 5.41 2.83 -21.08
C ARG A 254 6.45 2.56 -22.15
N TYR A 255 7.49 1.80 -21.81
CA TYR A 255 8.46 1.36 -22.81
C TYR A 255 7.79 0.61 -23.98
N LEU A 256 6.90 -0.33 -23.66
CA LEU A 256 6.24 -1.15 -24.67
C LEU A 256 5.31 -0.29 -25.50
N ILE A 257 4.63 0.66 -24.86
CA ILE A 257 3.73 1.55 -25.56
C ILE A 257 4.52 2.40 -26.56
N LEU A 258 5.64 2.96 -26.12
CA LEU A 258 6.41 3.83 -26.99
C LEU A 258 7.19 3.10 -28.07
N ASN A 259 7.73 1.90 -27.78
CA ASN A 259 8.75 1.30 -28.66
C ASN A 259 8.41 -0.07 -29.19
N GLY A 260 7.30 -0.64 -28.72
CA GLY A 260 6.94 -1.98 -29.09
C GLY A 260 7.81 -3.02 -28.39
N VAL A 261 7.66 -4.25 -28.86
CA VAL A 261 8.33 -5.41 -28.32
C VAL A 261 9.78 -5.38 -28.75
N VAL A 262 10.68 -5.61 -27.79
CA VAL A 262 12.11 -5.72 -28.06
C VAL A 262 12.68 -6.89 -27.30
N ASP A 263 13.87 -7.34 -27.69
CA ASP A 263 14.61 -8.33 -26.94
C ASP A 263 15.03 -7.67 -25.60
N ARG A 264 14.53 -8.16 -24.49
CA ARG A 264 14.72 -7.45 -23.23
C ARG A 264 16.13 -7.63 -22.69
N SER A 265 16.83 -8.71 -23.11
CA SER A 265 18.19 -8.93 -22.67
C SER A 265 19.10 -7.90 -23.31
N LEU A 266 18.86 -7.57 -24.59
CA LEU A 266 19.58 -6.48 -25.26
C LEU A 266 19.23 -5.12 -24.66
N LEU A 267 17.96 -4.94 -24.32
CA LEU A 267 17.52 -3.71 -23.68
C LEU A 267 18.33 -3.45 -22.41
N MET A 268 18.52 -4.48 -21.59
CA MET A 268 19.32 -4.36 -20.37
CA MET A 268 19.30 -4.37 -20.37
C MET A 268 20.72 -3.91 -20.71
N CYS A 269 21.33 -4.55 -21.71
CA CYS A 269 22.68 -4.15 -22.12
C CYS A 269 22.74 -2.71 -22.60
N GLN A 270 21.77 -2.28 -23.40
CA GLN A 270 21.75 -0.89 -23.88
C GLN A 270 21.71 0.08 -22.73
N HIS A 271 20.83 -0.17 -21.78
CA HIS A 271 20.74 0.68 -20.61
C HIS A 271 22.04 0.63 -19.82
N LEU A 272 22.54 -0.57 -19.54
CA LEU A 272 23.79 -0.73 -18.82
C LEU A 272 24.92 0.09 -19.47
N GLU A 273 25.10 -0.06 -20.77
CA GLU A 273 26.13 0.69 -21.50
C GLU A 273 26.00 2.20 -21.35
N ARG A 274 24.77 2.73 -21.45
CA ARG A 274 24.56 4.17 -21.24
C ARG A 274 24.99 4.57 -19.82
N VAL A 275 24.65 3.76 -18.81
CA VAL A 275 24.98 4.13 -17.43
C VAL A 275 26.49 4.06 -17.23
N LEU A 276 27.11 3.04 -17.78
CA LEU A 276 28.57 2.90 -17.69
C LEU A 276 29.28 4.08 -18.36
N ASP A 277 28.77 4.54 -19.49
CA ASP A 277 29.34 5.74 -20.14
C ASP A 277 29.23 6.94 -19.22
N ILE A 278 28.10 7.08 -18.53
CA ILE A 278 27.94 8.20 -17.60
C ILE A 278 28.91 8.04 -16.42
N ALA A 279 29.01 6.85 -15.86
CA ALA A 279 29.99 6.63 -14.81
C ALA A 279 31.40 6.99 -15.28
N ASP A 280 31.73 6.62 -16.51
CA ASP A 280 33.08 6.81 -17.03
C ASP A 280 33.35 8.31 -17.07
N LYS A 281 32.40 9.07 -17.54
CA LYS A 281 32.49 10.53 -17.54
C LYS A 281 32.99 11.09 -16.22
N TYR A 282 32.59 10.49 -15.10
CA TYR A 282 32.98 10.97 -13.78
C TYR A 282 34.08 10.12 -13.14
N GLY A 283 34.65 9.18 -13.88
CA GLY A 283 35.78 8.40 -13.41
C GLY A 283 35.41 7.28 -12.44
N PHE A 284 34.14 6.91 -12.38
CA PHE A 284 33.69 5.85 -11.50
C PHE A 284 33.86 4.47 -12.12
N HIS A 285 34.18 3.49 -11.27
CA HIS A 285 34.18 2.06 -11.58
C HIS A 285 32.98 1.43 -10.90
N CYS A 286 32.18 0.64 -11.64
CA CYS A 286 30.86 0.20 -11.16
C CYS A 286 30.77 -1.28 -10.80
N GLN A 287 29.95 -1.55 -9.80
CA GLN A 287 29.45 -2.88 -9.55
C GLN A 287 27.96 -2.82 -9.79
N MET A 288 27.35 -3.98 -10.02
CA MET A 288 25.90 -4.02 -10.17
C MET A 288 25.40 -5.34 -9.65
N TRP A 289 24.14 -5.36 -9.18
CA TRP A 289 23.50 -6.63 -8.85
C TRP A 289 23.32 -7.42 -10.14
N SER A 290 23.48 -8.73 -10.06
CA SER A 290 23.55 -9.56 -11.27
C SER A 290 22.24 -10.17 -11.76
N ASP A 291 21.20 -10.12 -10.95
CA ASP A 291 20.02 -10.97 -11.14
C ASP A 291 19.25 -10.81 -12.47
N MET A 292 19.18 -9.62 -13.04
CA MET A 292 18.34 -9.43 -14.23
C MET A 292 18.89 -10.17 -15.46
N PHE A 293 20.22 -10.33 -15.56
CA PHE A 293 20.76 -11.14 -16.66
C PHE A 293 20.18 -12.55 -16.65
N PHE A 294 20.15 -13.16 -15.46
CA PHE A 294 19.66 -14.52 -15.30
C PHE A 294 18.15 -14.55 -15.45
N LYS A 295 17.44 -13.63 -14.81
CA LYS A 295 15.98 -13.62 -14.95
C LYS A 295 15.53 -13.42 -16.41
N LEU A 296 16.16 -12.51 -17.14
CA LEU A 296 15.74 -12.27 -18.52
C LEU A 296 16.24 -13.31 -19.51
N MET A 297 17.21 -14.15 -19.15
CA MET A 297 17.72 -15.19 -20.07
C MET A 297 17.54 -16.62 -19.56
N SER A 298 16.58 -16.83 -18.67
CA SER A 298 16.23 -18.17 -18.26
C SER A 298 14.78 -18.44 -18.65
N ALA A 299 14.45 -19.69 -18.88
CA ALA A 299 13.08 -20.05 -19.27
C ALA A 299 12.02 -19.66 -18.24
N ASP A 300 12.30 -19.81 -16.95
CA ASP A 300 11.25 -19.46 -15.97
C ASP A 300 11.50 -18.13 -15.21
N GLY A 301 12.41 -17.32 -15.72
CA GLY A 301 12.59 -15.95 -15.20
C GLY A 301 13.07 -15.93 -13.76
N GLN A 302 14.03 -16.78 -13.43
CA GLN A 302 14.56 -16.83 -12.07
C GLN A 302 16.07 -16.62 -12.05
N TYR A 303 16.56 -16.28 -10.87
CA TYR A 303 17.96 -15.93 -10.66
C TYR A 303 18.84 -17.16 -10.69
N ASP A 304 18.40 -18.21 -10.00
CA ASP A 304 19.18 -19.42 -9.78
C ASP A 304 18.99 -20.35 -10.97
N ARG A 305 19.57 -19.98 -12.12
CA ARG A 305 19.37 -20.72 -13.35
C ARG A 305 20.60 -20.65 -14.24
N ASP A 306 20.80 -21.73 -14.99
CA ASP A 306 21.83 -21.76 -16.00
C ASP A 306 21.20 -21.05 -17.18
N VAL A 307 21.90 -20.13 -17.80
CA VAL A 307 21.25 -19.28 -18.79
C VAL A 307 21.61 -19.63 -20.21
N GLU A 308 20.64 -19.44 -21.09
CA GLU A 308 20.81 -19.55 -22.52
C GLU A 308 21.00 -18.13 -23.01
N ILE A 309 22.21 -17.81 -23.39
CA ILE A 309 22.55 -16.46 -23.78
C ILE A 309 22.38 -16.35 -25.28
N PRO A 310 21.46 -15.50 -25.75
CA PRO A 310 21.37 -15.35 -27.22
C PRO A 310 22.65 -14.72 -27.75
N GLU A 311 23.03 -15.08 -28.97
CA GLU A 311 24.35 -14.75 -29.48
C GLU A 311 24.56 -13.27 -29.47
N GLU A 312 23.56 -12.52 -29.95
CA GLU A 312 23.69 -11.06 -29.96
C GLU A 312 23.91 -10.51 -28.55
N THR A 313 23.24 -11.10 -27.57
CA THR A 313 23.46 -10.66 -26.19
C THR A 313 24.84 -11.09 -25.71
N ARG A 314 25.30 -12.28 -26.11
CA ARG A 314 26.65 -12.75 -25.72
C ARG A 314 27.72 -11.78 -26.19
N VAL A 315 27.58 -11.27 -27.40
CA VAL A 315 28.55 -10.33 -27.94
C VAL A 315 28.51 -8.99 -27.19
N TYR A 316 27.30 -8.55 -26.85
CA TYR A 316 27.14 -7.30 -26.10
C TYR A 316 27.77 -7.46 -24.69
N LEU A 317 27.42 -8.54 -24.01
CA LEU A 317 27.96 -8.78 -22.68
C LEU A 317 29.47 -8.93 -22.65
N ASP A 318 30.03 -9.62 -23.64
CA ASP A 318 31.48 -9.77 -23.68
C ASP A 318 32.18 -8.44 -23.64
N ARG A 319 31.69 -7.42 -24.35
CA ARG A 319 32.30 -6.11 -24.19
C ARG A 319 31.94 -5.41 -22.88
N LEU A 320 30.71 -5.54 -22.38
CA LEU A 320 30.38 -4.88 -21.11
C LEU A 320 31.01 -5.51 -19.87
N LYS A 321 31.27 -6.84 -19.86
CA LYS A 321 31.82 -7.52 -18.67
C LYS A 321 33.16 -6.97 -18.18
N ASP A 322 33.94 -6.39 -19.08
CA ASP A 322 35.22 -5.78 -18.73
C ASP A 322 35.07 -4.40 -18.08
N ARG A 323 33.84 -3.89 -17.97
CA ARG A 323 33.62 -2.55 -17.44
C ARG A 323 32.78 -2.54 -16.17
N VAL A 324 32.35 -3.70 -15.70
CA VAL A 324 31.48 -3.74 -14.55
C VAL A 324 31.75 -5.03 -13.81
N THR A 325 31.68 -4.94 -12.48
CA THR A 325 31.69 -6.10 -11.60
C THR A 325 30.25 -6.55 -11.30
N LEU A 326 29.95 -7.80 -11.62
CA LEU A 326 28.68 -8.40 -11.29
C LEU A 326 28.67 -8.90 -9.86
N VAL A 327 27.63 -8.55 -9.11
CA VAL A 327 27.50 -8.99 -7.74
C VAL A 327 26.42 -10.04 -7.65
N TYR A 328 26.85 -11.27 -7.40
CA TYR A 328 25.93 -12.36 -7.05
C TYR A 328 25.53 -12.18 -5.60
N TRP A 329 24.24 -11.98 -5.36
CA TRP A 329 23.69 -11.79 -4.03
C TRP A 329 22.81 -12.96 -3.65
N ASP A 330 23.00 -13.48 -2.44
CA ASP A 330 22.26 -14.62 -1.98
C ASP A 330 22.37 -14.70 -0.49
N TYR A 331 21.21 -14.64 0.16
CA TYR A 331 21.14 -14.54 1.63
C TYR A 331 20.59 -15.80 2.25
N TYR A 332 20.41 -16.84 1.44
CA TYR A 332 19.46 -17.92 1.73
C TYR A 332 20.01 -19.35 1.78
N GLN A 333 21.09 -19.66 1.09
CA GLN A 333 21.46 -21.07 0.90
C GLN A 333 22.15 -21.61 2.13
N ASP A 334 21.80 -22.84 2.48
CA ASP A 334 22.41 -23.52 3.60
C ASP A 334 23.56 -24.46 3.23
N SER A 335 24.08 -24.39 2.00
CA SER A 335 25.17 -25.28 1.66
C SER A 335 26.08 -24.68 0.59
N GLU A 336 27.37 -25.00 0.75
CA GLU A 336 28.38 -24.52 -0.16
C GLU A 336 28.05 -24.83 -1.64
N GLU A 337 27.48 -26.00 -1.90
CA GLU A 337 27.22 -26.48 -3.29
C GLU A 337 26.22 -25.61 -3.99
N LYS A 338 25.18 -25.20 -3.27
CA LYS A 338 24.18 -24.30 -3.82
C LYS A 338 24.77 -22.98 -4.28
N TYR A 339 25.64 -22.40 -3.46
CA TYR A 339 26.35 -21.18 -3.89
C TYR A 339 27.23 -21.49 -5.10
N ASN A 340 28.01 -22.56 -5.01
CA ASN A 340 28.96 -22.89 -6.08
C ASN A 340 28.25 -23.06 -7.40
N ARG A 341 27.05 -23.62 -7.37
CA ARG A 341 26.25 -23.77 -8.61
C ARG A 341 26.03 -22.39 -9.26
N ASN A 342 25.67 -21.41 -8.43
CA ASN A 342 25.40 -20.07 -8.93
C ASN A 342 26.67 -19.38 -9.38
N PHE A 343 27.76 -19.60 -8.67
CA PHE A 343 29.04 -19.09 -9.14
C PHE A 343 29.38 -19.65 -10.53
N ARG A 344 29.19 -20.95 -10.74
CA ARG A 344 29.41 -21.53 -12.08
C ARG A 344 28.48 -20.92 -13.12
N ASN A 345 27.23 -20.66 -12.78
CA ASN A 345 26.35 -19.98 -13.72
C ASN A 345 26.93 -18.61 -14.07
N HIS A 346 27.43 -17.87 -13.08
CA HIS A 346 27.95 -16.52 -13.32
C HIS A 346 29.21 -16.52 -14.21
N HIS A 347 30.10 -17.49 -13.98
CA HIS A 347 31.31 -17.62 -14.81
C HIS A 347 31.01 -17.75 -16.30
N LYS A 348 29.82 -18.19 -16.68
CA LYS A 348 29.46 -18.20 -18.10
C LYS A 348 29.39 -16.81 -18.69
N ILE A 349 29.15 -15.81 -17.86
CA ILE A 349 29.14 -14.41 -18.29
C ILE A 349 30.42 -13.67 -17.99
N SER A 350 30.90 -13.83 -16.75
CA SER A 350 32.07 -13.04 -16.30
C SER A 350 32.84 -13.69 -15.15
N HIS A 351 34.14 -13.39 -15.10
CA HIS A 351 34.95 -13.82 -13.95
C HIS A 351 35.21 -12.67 -13.02
N ASP A 352 34.80 -11.47 -13.40
CA ASP A 352 34.89 -10.36 -12.47
C ASP A 352 33.61 -10.30 -11.62
N LEU A 353 33.64 -11.06 -10.52
CA LEU A 353 32.50 -11.24 -9.62
C LEU A 353 32.78 -10.76 -8.19
N ALA A 354 31.72 -10.32 -7.54
CA ALA A 354 31.72 -10.16 -6.09
C ALA A 354 30.52 -10.89 -5.49
N PHE A 355 30.55 -11.11 -4.17
CA PHE A 355 29.46 -11.78 -3.48
C PHE A 355 28.82 -10.89 -2.44
N ALA A 356 27.50 -10.91 -2.36
CA ALA A 356 26.81 -10.19 -1.31
C ALA A 356 26.09 -11.18 -0.43
N GLY A 357 26.46 -11.20 0.83
CA GLY A 357 25.80 -11.99 1.85
C GLY A 357 24.80 -11.13 2.63
N GLY A 358 24.25 -11.72 3.68
CA GLY A 358 23.11 -11.17 4.39
C GLY A 358 23.27 -11.11 5.89
N ALA A 359 23.15 -9.90 6.44
CA ALA A 359 22.95 -9.74 7.87
C ALA A 359 21.47 -9.49 8.08
N TRP A 360 20.78 -10.56 8.47
CA TRP A 360 19.32 -10.57 8.47
C TRP A 360 18.72 -9.57 9.44
N LYS A 361 18.34 -8.40 8.90
CA LYS A 361 17.68 -7.36 9.67
C LYS A 361 16.50 -6.71 8.91
N TRP A 362 15.87 -7.49 8.05
CA TRP A 362 14.81 -6.99 7.20
C TRP A 362 13.46 -7.72 7.38
N ILE A 363 13.26 -8.36 8.52
CA ILE A 363 12.05 -9.15 8.73
C ILE A 363 11.23 -8.61 9.90
N GLY A 364 11.26 -7.30 10.07
CA GLY A 364 10.35 -6.62 11.00
C GLY A 364 11.10 -5.83 12.06
N PHE A 365 10.95 -6.23 13.32
CA PHE A 365 11.53 -5.53 14.47
C PHE A 365 12.76 -6.23 14.99
N THR A 366 12.95 -7.48 14.57
CA THR A 366 13.91 -8.39 15.21
C THR A 366 14.77 -9.06 14.16
N PRO A 367 16.09 -9.02 14.32
CA PRO A 367 16.97 -9.62 13.35
C PRO A 367 17.06 -11.14 13.53
N HIS A 368 17.86 -11.77 12.68
CA HIS A 368 18.13 -13.18 12.74
C HIS A 368 19.64 -13.40 12.50
N ASN A 369 20.43 -12.95 13.48
CA ASN A 369 21.85 -13.25 13.53
C ASN A 369 22.13 -14.75 13.48
N HIS A 370 21.27 -15.55 14.12
CA HIS A 370 21.45 -17.01 14.11
C HIS A 370 21.44 -17.53 12.67
N PHE A 371 20.42 -17.17 11.90
CA PHE A 371 20.34 -17.66 10.52
C PHE A 371 21.49 -17.09 9.72
N SER A 372 21.89 -15.87 10.08
CA SER A 372 22.98 -15.21 9.36
C SER A 372 24.29 -15.98 9.50
N ARG A 373 24.54 -16.49 10.73
CA ARG A 373 25.72 -17.28 11.02
C ARG A 373 25.69 -18.54 10.19
N LEU A 374 24.56 -19.24 10.23
CA LEU A 374 24.40 -20.47 9.47
C LEU A 374 24.78 -20.31 7.98
N VAL A 375 24.22 -19.32 7.30
CA VAL A 375 24.50 -19.14 5.89
C VAL A 375 25.87 -18.56 5.59
N ALA A 376 26.43 -17.74 6.49
CA ALA A 376 27.75 -17.17 6.28
C ALA A 376 28.82 -18.24 6.24
N ILE A 377 28.72 -19.20 7.15
CA ILE A 377 29.71 -20.28 7.18
C ILE A 377 29.80 -20.94 5.81
N GLU A 378 28.63 -21.28 5.26
CA GLU A 378 28.60 -21.96 3.97
C GLU A 378 28.98 -21.06 2.80
N ALA A 379 28.52 -19.81 2.82
CA ALA A 379 28.86 -18.85 1.75
C ALA A 379 30.36 -18.56 1.68
N ASN A 380 30.97 -18.45 2.85
CA ASN A 380 32.41 -18.23 2.94
C ASN A 380 33.17 -19.36 2.25
N LYS A 381 32.71 -20.60 2.40
CA LYS A 381 33.36 -21.72 1.72
C LYS A 381 33.30 -21.57 0.19
N ALA A 382 32.12 -21.25 -0.29
CA ALA A 382 31.91 -21.11 -1.72
C ALA A 382 32.72 -19.95 -2.29
N CYS A 383 32.69 -18.83 -1.57
CA CYS A 383 33.37 -17.64 -2.03
C CYS A 383 34.87 -17.92 -2.16
N ARG A 384 35.43 -18.54 -1.13
CA ARG A 384 36.84 -18.95 -1.18
C ARG A 384 37.14 -19.91 -2.33
N ALA A 385 36.29 -20.92 -2.50
CA ALA A 385 36.43 -21.87 -3.60
C ALA A 385 36.44 -21.21 -4.96
N ASN A 386 35.77 -20.08 -5.10
CA ASN A 386 35.71 -19.40 -6.37
C ASN A 386 36.59 -18.13 -6.45
N GLN A 387 37.56 -18.01 -5.56
CA GLN A 387 38.44 -16.85 -5.53
C GLN A 387 37.72 -15.49 -5.59
N ILE A 388 36.60 -15.37 -4.90
CA ILE A 388 35.87 -14.14 -4.83
C ILE A 388 36.73 -13.10 -4.13
N LYS A 389 36.96 -11.98 -4.79
CA LYS A 389 37.80 -10.90 -4.23
C LYS A 389 37.11 -10.06 -3.11
N GLU A 390 35.78 -9.99 -3.14
CA GLU A 390 35.06 -9.09 -2.25
C GLU A 390 33.76 -9.67 -1.82
N VAL A 391 33.48 -9.60 -0.52
CA VAL A 391 32.16 -9.89 0.05
C VAL A 391 31.54 -8.60 0.58
N ILE A 392 30.30 -8.33 0.17
CA ILE A 392 29.50 -7.22 0.72
C ILE A 392 28.43 -7.86 1.61
N VAL A 393 28.52 -7.62 2.90
CA VAL A 393 27.49 -8.03 3.82
C VAL A 393 26.38 -6.99 3.77
N THR A 394 25.15 -7.40 3.45
CA THR A 394 24.04 -6.46 3.26
C THR A 394 23.13 -6.42 4.48
N GLY A 395 22.70 -5.20 4.84
CA GLY A 395 21.77 -5.01 5.95
C GLY A 395 20.45 -4.38 5.53
N TRP A 396 19.69 -5.09 4.71
CA TRP A 396 18.46 -4.57 4.17
C TRP A 396 17.43 -4.30 5.28
N GLY A 397 16.47 -3.43 5.00
CA GLY A 397 15.43 -3.05 5.97
C GLY A 397 14.00 -3.15 5.44
N ASP A 398 13.75 -4.11 4.56
CA ASP A 398 12.46 -4.30 3.88
C ASP A 398 11.22 -3.80 4.60
N ASN A 399 10.42 -3.02 3.86
CA ASN A 399 9.05 -2.71 4.26
C ASN A 399 8.99 -1.86 5.55
N GLY A 400 9.88 -0.87 5.67
CA GLY A 400 9.72 0.16 6.70
C GLY A 400 10.86 0.37 7.69
N GLY A 401 11.92 -0.46 7.59
CA GLY A 401 13.13 -0.25 8.38
C GLY A 401 12.98 -0.46 9.88
N GLU A 402 12.12 -1.40 10.29
CA GLU A 402 11.73 -1.46 11.70
C GLU A 402 12.71 -2.19 12.62
N THR A 403 13.76 -2.78 12.04
CA THR A 403 14.79 -3.43 12.84
C THR A 403 15.95 -2.42 13.13
N ALA A 404 16.49 -2.51 14.34
CA ALA A 404 17.54 -1.58 14.76
C ALA A 404 18.80 -1.73 13.90
N GLN A 405 19.47 -0.61 13.62
CA GLN A 405 20.65 -0.59 12.77
C GLN A 405 21.81 -1.34 13.39
N PHE A 406 21.91 -1.29 14.71
CA PHE A 406 23.00 -2.01 15.42
C PHE A 406 22.61 -3.41 15.89
N SER A 407 21.47 -3.92 15.43
CA SER A 407 20.98 -5.23 15.88
C SER A 407 21.81 -6.39 15.36
N ILE A 408 22.62 -6.13 14.32
CA ILE A 408 23.28 -7.21 13.59
C ILE A 408 24.80 -7.24 13.75
N LEU A 409 25.32 -6.56 14.77
CA LEU A 409 26.78 -6.58 15.01
C LEU A 409 27.36 -8.00 15.09
N PRO A 410 26.62 -8.96 15.69
CA PRO A 410 27.17 -10.31 15.70
C PRO A 410 27.40 -10.90 14.28
N SER A 411 26.48 -10.64 13.36
CA SER A 411 26.65 -11.07 11.98
C SER A 411 27.86 -10.42 11.33
N LEU A 412 28.10 -9.16 11.66
CA LEU A 412 29.23 -8.46 11.08
C LEU A 412 30.54 -9.05 11.59
N GLN A 413 30.59 -9.39 12.88
CA GLN A 413 31.80 -9.98 13.45
C GLN A 413 32.00 -11.36 12.86
N ILE A 414 30.90 -12.07 12.66
CA ILE A 414 30.95 -13.39 12.08
C ILE A 414 31.69 -13.35 10.72
N TRP A 415 31.29 -12.44 9.84
CA TRP A 415 31.92 -12.40 8.53
C TRP A 415 33.38 -11.97 8.60
N ALA A 416 33.67 -10.99 9.45
CA ALA A 416 35.05 -10.57 9.69
C ALA A 416 35.91 -11.76 10.12
N GLU A 417 35.42 -12.52 11.10
CA GLU A 417 36.15 -13.71 11.56
C GLU A 417 36.36 -14.70 10.43
N LEU A 418 35.31 -14.97 9.66
CA LEU A 418 35.42 -15.89 8.54
C LEU A 418 36.47 -15.43 7.50
N SER A 419 36.50 -14.15 7.17
CA SER A 419 37.54 -13.67 6.25
C SER A 419 38.97 -13.78 6.81
N TYR A 420 39.17 -13.30 8.04
CA TYR A 420 40.51 -13.21 8.65
C TYR A 420 41.08 -14.53 9.18
N ARG A 421 40.21 -15.40 9.66
CA ARG A 421 40.62 -16.67 10.30
C ARG A 421 40.00 -17.92 9.70
N ASN A 422 38.95 -17.78 8.89
CA ASN A 422 38.27 -18.95 8.34
C ASN A 422 37.64 -19.86 9.40
N ASP A 423 37.36 -19.31 10.57
CA ASP A 423 36.69 -20.04 11.61
C ASP A 423 36.14 -19.02 12.57
N LEU A 424 35.31 -19.50 13.48
CA LEU A 424 34.71 -18.67 14.49
C LEU A 424 35.29 -18.86 15.89
N ASP A 425 36.45 -19.51 16.01
CA ASP A 425 37.05 -19.75 17.35
C ASP A 425 37.19 -18.49 18.18
N GLY A 426 37.48 -17.37 17.52
CA GLY A 426 37.70 -16.11 18.24
C GLY A 426 36.48 -15.20 18.29
N LEU A 427 35.33 -15.69 17.86
CA LEU A 427 34.19 -14.80 17.63
C LEU A 427 33.72 -14.07 18.88
N SER A 428 33.46 -14.81 19.95
CA SER A 428 32.83 -14.19 21.12
C SER A 428 33.81 -13.25 21.84
N ALA A 429 35.05 -13.68 21.95
CA ALA A 429 36.09 -12.90 22.67
C ALA A 429 36.39 -11.62 21.91
N HIS A 430 36.53 -11.69 20.58
CA HIS A 430 36.71 -10.46 19.82
C HIS A 430 35.49 -9.59 19.94
N PHE A 431 34.32 -10.22 19.89
CA PHE A 431 33.05 -9.48 20.00
C PHE A 431 32.93 -8.77 21.34
N LYS A 432 33.24 -9.46 22.43
CA LYS A 432 33.16 -8.81 23.74
C LYS A 432 34.22 -7.70 23.90
N THR A 433 35.42 -7.91 23.38
CA THR A 433 36.39 -6.80 23.36
C THR A 433 35.80 -5.57 22.67
N ASN A 434 35.12 -5.77 21.54
CA ASN A 434 34.63 -4.65 20.75
C ASN A 434 33.35 -3.98 21.23
N THR A 435 32.51 -4.73 21.97
CA THR A 435 31.18 -4.26 22.36
C THR A 435 30.89 -4.24 23.85
N GLY A 436 31.64 -4.99 24.65
CA GLY A 436 31.32 -5.22 26.07
C GLY A 436 30.38 -6.40 26.32
N LEU A 437 29.78 -6.97 25.29
CA LEU A 437 28.90 -8.15 25.43
C LEU A 437 29.52 -9.43 24.85
N THR A 438 29.20 -10.60 25.39
CA THR A 438 29.55 -11.82 24.71
C THR A 438 28.64 -11.89 23.50
N VAL A 439 29.10 -12.56 22.45
CA VAL A 439 28.32 -12.67 21.24
C VAL A 439 27.04 -13.46 21.53
N GLU A 440 27.13 -14.40 22.47
CA GLU A 440 25.99 -15.22 22.85
C GLU A 440 24.90 -14.34 23.49
N ASP A 441 25.28 -13.46 24.41
CA ASP A 441 24.32 -12.52 25.00
C ASP A 441 23.70 -11.65 23.93
N PHE A 442 24.55 -11.07 23.07
CA PHE A 442 24.06 -10.13 22.05
C PHE A 442 23.06 -10.82 21.14
N MET A 443 23.36 -12.04 20.73
CA MET A 443 22.50 -12.79 19.81
C MET A 443 21.15 -13.21 20.39
N GLN A 444 20.97 -13.02 21.70
CA GLN A 444 19.64 -13.14 22.30
C GLN A 444 18.68 -12.08 21.76
N ILE A 445 19.23 -11.05 21.10
CA ILE A 445 18.41 -10.06 20.42
C ILE A 445 17.42 -10.68 19.41
N ASP A 446 17.77 -11.84 18.88
CA ASP A 446 16.97 -12.58 17.88
C ASP A 446 15.72 -13.22 18.49
N LEU A 447 15.60 -13.20 19.82
CA LEU A 447 14.69 -14.12 20.50
C LEU A 447 13.25 -14.13 20.00
N ALA A 448 12.70 -12.98 19.61
CA ALA A 448 11.30 -12.94 19.14
C ALA A 448 11.02 -13.74 17.86
N ASN A 449 12.08 -14.15 17.17
CA ASN A 449 11.98 -15.01 16.00
C ASN A 449 12.29 -16.50 16.27
N LEU A 450 12.88 -16.80 17.42
CA LEU A 450 13.49 -18.11 17.67
C LEU A 450 12.49 -19.07 18.32
N LEU A 451 11.39 -19.34 17.65
CA LEU A 451 10.44 -20.28 18.24
C LEU A 451 11.10 -21.67 18.34
N PRO A 452 10.85 -22.38 19.45
CA PRO A 452 11.61 -23.61 19.71
C PRO A 452 11.50 -24.71 18.65
N ASP A 453 10.37 -24.83 17.95
CA ASP A 453 10.18 -25.92 17.00
C ASP A 453 10.61 -25.63 15.57
N LEU A 454 11.30 -24.51 15.36
CA LEU A 454 11.82 -24.21 14.03
C LEU A 454 13.13 -24.92 13.82
N PRO A 455 13.39 -25.37 12.59
CA PRO A 455 14.73 -25.83 12.32
C PRO A 455 15.58 -24.59 12.07
N GLY A 456 16.84 -24.60 12.38
CA GLY A 456 17.60 -23.34 12.26
C GLY A 456 17.88 -22.85 10.84
N ASN A 457 17.46 -23.63 9.83
CA ASN A 457 17.97 -23.42 8.46
C ASN A 457 16.93 -22.96 7.46
N LEU A 458 15.79 -22.48 7.94
CA LEU A 458 14.76 -21.95 7.06
C LEU A 458 14.62 -20.45 7.30
N SER A 459 14.59 -19.67 6.23
CA SER A 459 14.69 -18.23 6.33
C SER A 459 13.35 -17.55 6.42
N GLY A 460 13.38 -16.30 6.91
CA GLY A 460 12.21 -15.42 6.83
C GLY A 460 11.10 -15.66 7.83
N ILE A 461 11.31 -16.55 8.80
CA ILE A 461 10.24 -16.90 9.73
C ILE A 461 10.24 -15.86 10.83
N ASN A 462 9.23 -14.99 10.80
CA ASN A 462 9.27 -13.73 11.51
C ASN A 462 8.05 -13.42 12.39
N PRO A 463 7.75 -14.30 13.36
CA PRO A 463 6.64 -14.04 14.32
C PRO A 463 6.80 -12.74 15.11
N ASN A 464 8.02 -12.24 15.25
CA ASN A 464 8.23 -10.96 15.95
C ASN A 464 7.29 -9.90 15.37
N ARG A 465 7.09 -10.00 14.06
CA ARG A 465 6.44 -8.97 13.29
C ARG A 465 4.97 -9.24 13.09
N TYR A 466 4.63 -10.44 12.63
CA TYR A 466 3.22 -10.72 12.34
C TYR A 466 2.33 -10.92 13.56
N VAL A 467 2.90 -11.45 14.65
CA VAL A 467 2.16 -11.51 15.91
C VAL A 467 1.89 -10.09 16.41
N PHE A 468 2.84 -9.18 16.20
CA PHE A 468 2.68 -7.80 16.70
C PHE A 468 1.60 -7.06 15.92
N TYR A 469 1.69 -7.05 14.60
CA TYR A 469 0.77 -6.22 13.79
C TYR A 469 -0.58 -6.86 13.47
N GLN A 470 -0.76 -8.14 13.81
CA GLN A 470 -1.99 -8.85 13.52
C GLN A 470 -3.15 -8.15 14.20
N ASP A 471 -4.31 -8.23 13.59
CA ASP A 471 -5.57 -7.72 14.17
C ASP A 471 -6.00 -8.55 15.36
N ILE A 472 -6.89 -7.99 16.19
CA ILE A 472 -7.51 -8.72 17.31
C ILE A 472 -8.79 -9.46 16.86
N LEU A 473 -9.77 -8.71 16.36
CA LEU A 473 -11.04 -9.28 15.91
C LEU A 473 -10.95 -10.22 14.72
N CYS A 474 -10.02 -9.91 13.80
CA CYS A 474 -9.82 -10.68 12.60
C CYS A 474 -8.39 -11.23 12.52
N PRO A 475 -8.04 -12.22 13.37
CA PRO A 475 -6.62 -12.56 13.46
C PRO A 475 -6.20 -13.56 12.35
N ILE A 476 -5.87 -13.01 11.19
CA ILE A 476 -5.67 -13.80 9.98
C ILE A 476 -4.38 -14.67 9.97
N LEU A 477 -3.51 -14.48 10.95
CA LEU A 477 -2.36 -15.37 11.12
C LEU A 477 -2.54 -16.35 12.29
N ASP A 478 -3.76 -16.47 12.83
CA ASP A 478 -3.97 -17.27 14.04
C ASP A 478 -3.58 -18.74 13.86
N GLN A 479 -3.74 -19.31 12.67
CA GLN A 479 -3.36 -20.71 12.47
C GLN A 479 -1.85 -20.95 12.61
N HIS A 480 -1.07 -19.88 12.48
CA HIS A 480 0.38 -19.97 12.61
C HIS A 480 0.92 -19.85 14.04
N MET A 481 0.02 -19.67 15.01
CA MET A 481 0.39 -19.55 16.42
C MET A 481 0.27 -20.87 17.14
N THR A 482 1.20 -21.10 18.08
CA THR A 482 1.24 -22.33 18.89
C THR A 482 1.38 -21.93 20.36
N PRO A 483 0.27 -21.49 20.97
CA PRO A 483 0.32 -20.79 22.25
C PRO A 483 1.01 -21.55 23.39
N GLU A 484 0.78 -22.85 23.48
CA GLU A 484 1.47 -23.70 24.47
C GLU A 484 3.00 -23.49 24.45
N GLN A 485 3.64 -23.46 23.29
CA GLN A 485 5.08 -23.15 23.29
C GLN A 485 5.39 -21.66 23.13
N ASP A 486 4.54 -20.92 22.43
CA ASP A 486 4.92 -19.56 22.05
C ASP A 486 4.81 -18.62 23.22
N LYS A 487 3.78 -18.78 24.01
CA LYS A 487 3.53 -17.89 25.13
C LYS A 487 4.70 -17.89 26.16
N PRO A 488 5.13 -19.08 26.64
CA PRO A 488 6.30 -19.16 27.53
C PRO A 488 7.63 -18.82 26.83
N HIS A 489 7.78 -19.13 25.53
CA HIS A 489 8.96 -18.67 24.82
C HIS A 489 9.08 -17.14 24.89
N PHE A 490 8.01 -16.44 24.55
CA PHE A 490 8.07 -14.98 24.53
C PHE A 490 8.23 -14.42 25.95
N ALA A 491 7.55 -15.03 26.91
CA ALA A 491 7.63 -14.58 28.31
C ALA A 491 9.06 -14.72 28.88
N GLN A 492 9.66 -15.89 28.71
CA GLN A 492 11.05 -16.12 29.10
C GLN A 492 12.00 -15.18 28.34
N ALA A 493 11.77 -15.01 27.03
CA ALA A 493 12.61 -14.11 26.23
C ALA A 493 12.66 -12.70 26.83
N ALA A 494 11.51 -12.20 27.29
CA ALA A 494 11.44 -10.86 27.84
C ALA A 494 12.31 -10.74 29.11
N GLU A 495 12.29 -11.79 29.94
CA GLU A 495 13.13 -11.82 31.14
C GLU A 495 14.60 -11.93 30.74
N THR A 496 14.92 -12.83 29.81
CA THR A 496 16.31 -12.98 29.36
C THR A 496 16.85 -11.65 28.86
N LEU A 497 16.03 -10.95 28.10
CA LEU A 497 16.47 -9.68 27.49
C LEU A 497 16.59 -8.53 28.48
N ALA A 498 15.73 -8.50 29.49
CA ALA A 498 15.87 -7.48 30.54
C ALA A 498 17.21 -7.67 31.26
N ASN A 499 17.61 -8.92 31.50
CA ASN A 499 18.89 -9.22 32.15
C ASN A 499 20.06 -8.76 31.25
N ILE A 500 19.96 -9.04 29.97
CA ILE A 500 21.02 -8.60 29.06
C ILE A 500 21.10 -7.07 28.96
N LYS A 501 19.94 -6.41 28.90
CA LYS A 501 19.89 -4.94 28.90
C LYS A 501 20.71 -4.30 30.05
N GLU A 502 20.57 -4.85 31.25
CA GLU A 502 21.25 -4.29 32.42
C GLU A 502 22.76 -4.39 32.33
N LYS A 503 23.27 -5.30 31.51
CA LYS A 503 24.71 -5.41 31.31
C LYS A 503 25.14 -5.05 29.90
N ALA A 504 24.30 -4.34 29.16
CA ALA A 504 24.61 -4.06 27.77
C ALA A 504 25.26 -2.69 27.54
N GLY A 505 25.44 -1.91 28.60
CA GLY A 505 26.00 -0.57 28.48
C GLY A 505 25.27 0.27 27.44
N ASN A 506 26.02 0.93 26.58
CA ASN A 506 25.41 1.74 25.54
C ASN A 506 24.61 0.97 24.49
N TYR A 507 24.61 -0.36 24.56
CA TYR A 507 23.76 -1.15 23.68
C TYR A 507 22.41 -1.50 24.34
N ALA A 508 22.23 -1.09 25.59
CA ALA A 508 21.01 -1.37 26.34
C ALA A 508 19.71 -1.09 25.60
N TYR A 509 19.62 0.04 24.93
CA TYR A 509 18.39 0.39 24.17
C TYR A 509 17.87 -0.75 23.27
N LEU A 510 18.78 -1.44 22.59
CA LEU A 510 18.42 -2.55 21.70
C LEU A 510 17.64 -3.63 22.43
N PHE A 511 18.10 -3.97 23.63
CA PHE A 511 17.56 -5.11 24.38
C PHE A 511 16.31 -4.71 25.12
N GLU A 512 16.24 -3.47 25.57
CA GLU A 512 15.04 -2.97 26.20
C GLU A 512 13.89 -3.00 25.20
N THR A 513 14.13 -2.47 24.00
CA THR A 513 13.14 -2.57 22.92
C THR A 513 12.68 -4.03 22.68
N GLN A 514 13.60 -4.97 22.54
CA GLN A 514 13.21 -6.37 22.30
C GLN A 514 12.50 -7.01 23.50
N ALA A 515 12.89 -6.63 24.71
CA ALA A 515 12.26 -7.21 25.90
C ALA A 515 10.78 -6.86 25.93
N GLN A 516 10.47 -5.59 25.72
CA GLN A 516 9.10 -5.10 25.73
C GLN A 516 8.29 -5.78 24.62
N LEU A 517 8.91 -5.96 23.46
CA LEU A 517 8.24 -6.62 22.35
C LEU A 517 7.83 -8.04 22.72
N ASN A 518 8.77 -8.82 23.25
CA ASN A 518 8.49 -10.20 23.69
C ASN A 518 7.43 -10.26 24.77
N ALA A 519 7.49 -9.39 25.78
CA ALA A 519 6.38 -9.29 26.76
C ALA A 519 5.01 -9.13 26.08
N ILE A 520 4.94 -8.21 25.11
CA ILE A 520 3.70 -8.02 24.36
C ILE A 520 3.31 -9.31 23.62
N LEU A 521 4.25 -9.92 22.93
CA LEU A 521 3.93 -11.12 22.14
C LEU A 521 3.45 -12.29 23.02
N SER A 522 3.96 -12.40 24.24
CA SER A 522 3.54 -13.54 25.07
C SER A 522 2.02 -13.61 25.32
N SER A 523 1.35 -12.47 25.39
CA SER A 523 -0.10 -12.48 25.53
C SER A 523 -0.84 -12.31 24.21
N LYS A 524 -0.30 -11.45 23.33
CA LYS A 524 -0.97 -11.09 22.07
C LYS A 524 -1.02 -12.25 21.08
N VAL A 525 -0.06 -13.16 21.21
CA VAL A 525 -0.02 -14.34 20.35
C VAL A 525 -1.33 -15.12 20.32
N ASP A 526 -2.12 -15.13 21.40
CA ASP A 526 -3.39 -15.84 21.37
C ASP A 526 -4.60 -15.08 21.93
N VAL A 527 -4.46 -13.79 22.19
CA VAL A 527 -5.59 -13.05 22.65
C VAL A 527 -6.78 -13.16 21.65
N GLY A 528 -6.48 -13.10 20.36
CA GLY A 528 -7.52 -13.25 19.34
C GLY A 528 -8.21 -14.61 19.39
N ARG A 529 -7.44 -15.68 19.60
CA ARG A 529 -8.00 -17.02 19.76
C ARG A 529 -8.84 -17.14 21.03
N ARG A 530 -8.36 -16.57 22.13
CA ARG A 530 -9.10 -16.64 23.40
C ARG A 530 -10.43 -15.88 23.35
N ILE A 531 -10.45 -14.78 22.60
CA ILE A 531 -11.67 -14.04 22.40
C ILE A 531 -12.69 -14.95 21.68
N ARG A 532 -12.24 -15.62 20.63
CA ARG A 532 -13.10 -16.55 19.86
C ARG A 532 -13.59 -17.76 20.66
N GLN A 533 -12.73 -18.32 21.50
CA GLN A 533 -13.11 -19.46 22.32
C GLN A 533 -14.14 -18.99 23.33
N ALA A 534 -13.91 -17.85 23.97
CA ALA A 534 -14.87 -17.32 24.91
C ALA A 534 -16.21 -16.98 24.24
N TYR A 535 -16.16 -16.39 23.04
CA TYR A 535 -17.37 -16.10 22.26
C TYR A 535 -18.17 -17.35 21.97
N GLN A 536 -17.48 -18.36 21.47
CA GLN A 536 -18.13 -19.62 21.15
C GLN A 536 -18.68 -20.35 22.37
N ALA A 537 -18.08 -20.16 23.54
CA ALA A 537 -18.48 -20.88 24.75
C ALA A 537 -19.52 -20.08 25.50
N ASP A 538 -19.87 -18.93 24.94
CA ASP A 538 -20.70 -17.98 25.61
C ASP A 538 -20.16 -17.57 26.97
N ASP A 539 -18.84 -17.52 27.10
CA ASP A 539 -18.22 -17.08 28.33
C ASP A 539 -18.12 -15.57 28.36
N LYS A 540 -19.19 -14.94 28.83
CA LYS A 540 -19.30 -13.50 28.81
C LYS A 540 -18.42 -12.81 29.83
N GLU A 541 -18.16 -13.48 30.95
CA GLU A 541 -17.33 -12.90 31.99
C GLU A 541 -15.93 -12.77 31.37
N SER A 542 -15.51 -13.80 30.65
CA SER A 542 -14.20 -13.75 30.02
C SER A 542 -14.07 -12.62 28.95
N LEU A 543 -15.07 -12.49 28.08
CA LEU A 543 -15.09 -11.39 27.12
C LEU A 543 -15.01 -10.04 27.83
N GLN A 544 -15.74 -9.90 28.93
CA GLN A 544 -15.69 -8.66 29.70
C GLN A 544 -14.29 -8.37 30.22
N GLN A 545 -13.67 -9.38 30.82
CA GLN A 545 -12.27 -9.33 31.27
C GLN A 545 -11.35 -8.85 30.16
N ILE A 546 -11.47 -9.50 29.01
CA ILE A 546 -10.55 -9.22 27.91
C ILE A 546 -10.78 -7.78 27.46
N ALA A 547 -12.04 -7.39 27.29
CA ALA A 547 -12.37 -6.05 26.81
C ALA A 547 -12.00 -4.96 27.81
N ARG A 548 -12.24 -5.20 29.09
CA ARG A 548 -12.00 -4.14 30.09
C ARG A 548 -10.63 -4.17 30.74
N GLN A 549 -9.99 -5.32 30.81
CA GLN A 549 -8.66 -5.37 31.48
C GLN A 549 -7.54 -5.67 30.49
N GLU A 550 -7.59 -6.82 29.83
CA GLU A 550 -6.46 -7.27 29.03
C GLU A 550 -6.13 -6.33 27.86
N LEU A 551 -7.14 -5.97 27.05
CA LEU A 551 -6.89 -5.16 25.87
C LEU A 551 -6.48 -3.73 26.20
N PRO A 552 -7.09 -3.10 27.21
CA PRO A 552 -6.50 -1.79 27.57
C PRO A 552 -5.06 -1.90 28.07
N GLU A 553 -4.74 -2.97 28.77
CA GLU A 553 -3.35 -3.19 29.19
C GLU A 553 -2.49 -3.44 27.96
N LEU A 554 -3.02 -4.18 26.99
CA LEU A 554 -2.28 -4.42 25.76
C LEU A 554 -1.93 -3.11 25.07
N ARG A 555 -2.90 -2.19 25.02
CA ARG A 555 -2.60 -0.87 24.43
C ARG A 555 -1.52 -0.11 25.22
N SER A 556 -1.55 -0.21 26.56
CA SER A 556 -0.56 0.50 27.36
C SER A 556 0.82 -0.05 27.05
N GLN A 557 0.97 -1.37 26.98
CA GLN A 557 2.26 -1.98 26.69
C GLN A 557 2.76 -1.59 25.26
N ILE A 558 1.85 -1.60 24.30
CA ILE A 558 2.19 -1.20 22.92
C ILE A 558 2.63 0.26 22.85
N GLU A 559 1.95 1.12 23.57
CA GLU A 559 2.40 2.52 23.64
C GLU A 559 3.79 2.61 24.26
N ASP A 560 4.07 1.79 25.29
CA ASP A 560 5.41 1.72 25.88
C ASP A 560 6.41 1.18 24.87
N PHE A 561 6.02 0.16 24.12
CA PHE A 561 6.87 -0.31 23.05
C PHE A 561 7.16 0.79 22.03
N HIS A 562 6.12 1.51 21.65
CA HIS A 562 6.25 2.60 20.68
C HIS A 562 7.19 3.71 21.15
N ALA A 563 7.10 4.05 22.43
CA ALA A 563 8.06 4.98 23.02
C ALA A 563 9.49 4.44 22.93
N LEU A 564 9.69 3.18 23.28
CA LEU A 564 11.05 2.61 23.25
C LEU A 564 11.58 2.52 21.83
N PHE A 565 10.69 2.08 20.93
CA PHE A 565 11.02 2.01 19.53
C PHE A 565 11.42 3.37 19.00
N SER A 566 10.69 4.40 19.40
CA SER A 566 10.94 5.75 18.90
C SER A 566 12.30 6.25 19.39
N HIS A 567 12.61 6.00 20.66
CA HIS A 567 13.93 6.29 21.20
C HIS A 567 15.02 5.58 20.39
N GLN A 568 14.83 4.29 20.15
CA GLN A 568 15.78 3.54 19.34
C GLN A 568 15.97 4.15 17.96
N TRP A 569 14.86 4.50 17.31
CA TRP A 569 14.88 5.02 15.95
C TRP A 569 15.60 6.34 15.92
N LEU A 570 15.24 7.21 16.86
CA LEU A 570 15.79 8.57 16.88
C LEU A 570 17.27 8.59 17.26
N LYS A 571 17.69 7.58 17.99
CA LYS A 571 19.09 7.39 18.26
C LYS A 571 19.87 6.96 17.01
N GLU A 572 19.30 6.05 16.22
CA GLU A 572 20.06 5.49 15.07
C GLU A 572 19.87 6.25 13.76
N ASN A 573 18.66 6.77 13.56
CA ASN A 573 18.23 7.27 12.26
C ASN A 573 17.81 8.75 12.30
N LYS A 574 17.61 9.31 11.12
CA LYS A 574 16.97 10.59 10.99
C LYS A 574 15.50 10.37 11.36
N VAL A 575 14.80 11.47 11.68
CA VAL A 575 13.38 11.37 12.07
C VAL A 575 12.48 10.89 10.92
N PHE A 576 12.88 11.21 9.70
CA PHE A 576 12.08 10.92 8.52
C PHE A 576 11.93 9.40 8.43
N GLY A 577 10.73 8.93 8.05
CA GLY A 577 10.44 7.50 8.03
C GLY A 577 9.77 6.95 9.29
N LEU A 578 10.02 7.55 10.45
CA LEU A 578 9.36 7.16 11.69
C LEU A 578 7.85 7.34 11.58
N ASP A 579 7.45 8.29 10.74
CA ASP A 579 6.02 8.54 10.53
C ASP A 579 5.23 7.30 10.09
N THR A 580 5.82 6.48 9.22
CA THR A 580 5.14 5.26 8.80
C THR A 580 4.90 4.34 9.99
N VAL A 581 5.87 4.24 10.87
CA VAL A 581 5.68 3.42 12.08
C VAL A 581 4.58 4.05 12.97
N ASP A 582 4.58 5.37 13.13
CA ASP A 582 3.54 6.04 13.89
C ASP A 582 2.17 5.65 13.36
N ILE A 583 2.03 5.65 12.03
CA ILE A 583 0.79 5.32 11.39
C ILE A 583 0.41 3.88 11.64
N ARG A 584 1.36 2.96 11.44
CA ARG A 584 1.08 1.56 11.61
C ARG A 584 0.70 1.21 13.02
N MET A 585 1.44 1.74 13.98
CA MET A 585 1.14 1.43 15.37
C MET A 585 -0.11 2.14 15.90
N GLY A 586 -0.34 3.38 15.47
CA GLY A 586 -1.61 4.05 15.80
C GLY A 586 -2.81 3.27 15.26
N GLY A 587 -2.65 2.67 14.08
CA GLY A 587 -3.73 1.85 13.50
C GLY A 587 -4.00 0.60 14.32
N LEU A 588 -2.92 -0.09 14.71
CA LEU A 588 -3.02 -1.27 15.59
C LEU A 588 -3.78 -0.91 16.87
N LEU A 589 -3.34 0.18 17.52
CA LEU A 589 -3.99 0.64 18.75
C LEU A 589 -5.48 0.90 18.50
N GLN A 590 -5.82 1.55 17.39
CA GLN A 590 -7.23 1.84 17.12
C GLN A 590 -8.05 0.57 16.84
N ARG A 591 -7.41 -0.43 16.26
CA ARG A 591 -8.04 -1.69 16.02
C ARG A 591 -8.24 -2.48 17.33
N ILE A 592 -7.35 -2.29 18.30
CA ILE A 592 -7.58 -2.90 19.61
C ILE A 592 -8.76 -2.22 20.30
N LYS A 593 -8.86 -0.90 20.18
CA LYS A 593 -10.03 -0.20 20.69
C LYS A 593 -11.33 -0.67 20.03
N ARG A 594 -11.28 -1.04 18.75
CA ARG A 594 -12.46 -1.61 18.07
C ARG A 594 -12.85 -2.96 18.69
N ALA A 595 -11.86 -3.78 19.00
CA ALA A 595 -12.11 -5.04 19.66
C ALA A 595 -12.84 -4.79 20.98
N GLU A 596 -12.38 -3.81 21.75
CA GLU A 596 -13.00 -3.48 23.03
C GLU A 596 -14.44 -3.05 22.84
N SER A 597 -14.66 -2.12 21.91
CA SER A 597 -15.97 -1.54 21.70
C SER A 597 -16.99 -2.53 21.10
N ARG A 598 -16.54 -3.38 20.18
CA ARG A 598 -17.44 -4.35 19.57
C ARG A 598 -17.89 -5.38 20.60
N ILE A 599 -16.95 -5.79 21.45
CA ILE A 599 -17.27 -6.66 22.57
C ILE A 599 -18.28 -5.99 23.50
N GLU A 600 -18.02 -4.75 23.91
CA GLU A 600 -18.95 -4.03 24.79
C GLU A 600 -20.36 -3.96 24.20
N VAL A 601 -20.51 -3.69 22.90
CA VAL A 601 -21.85 -3.60 22.29
C VAL A 601 -22.54 -4.95 22.36
N TYR A 602 -21.80 -6.00 22.07
CA TYR A 602 -22.32 -7.36 22.22
C TYR A 602 -22.77 -7.67 23.65
N LEU A 603 -21.91 -7.41 24.63
CA LEU A 603 -22.25 -7.65 26.03
C LEU A 603 -23.47 -6.84 26.44
N ALA A 604 -23.63 -5.63 25.90
CA ALA A 604 -24.82 -4.82 26.20
C ALA A 604 -26.10 -5.33 25.53
N GLY A 605 -26.02 -6.45 24.79
CA GLY A 605 -27.18 -6.99 24.09
C GLY A 605 -27.61 -6.19 22.88
N GLN A 606 -26.75 -5.29 22.40
CA GLN A 606 -27.11 -4.46 21.25
C GLN A 606 -26.54 -5.01 19.94
N LEU A 607 -25.99 -6.22 20.01
CA LEU A 607 -25.69 -7.02 18.83
C LEU A 607 -26.10 -8.44 19.14
N ASP A 608 -26.71 -9.10 18.17
CA ASP A 608 -27.01 -10.52 18.28
C ASP A 608 -25.74 -11.36 18.09
N ARG A 609 -24.76 -10.79 17.39
CA ARG A 609 -23.67 -11.58 16.82
C ARG A 609 -22.47 -10.65 16.59
N ILE A 610 -21.25 -11.13 16.77
CA ILE A 610 -20.08 -10.35 16.35
C ILE A 610 -19.58 -11.02 15.09
N ASP A 611 -19.95 -10.46 13.93
CA ASP A 611 -19.70 -11.13 12.64
C ASP A 611 -18.24 -11.47 12.38
N GLU A 612 -17.33 -10.62 12.86
CA GLU A 612 -15.91 -10.86 12.69
C GLU A 612 -15.57 -12.25 13.24
N LEU A 613 -16.16 -12.56 14.39
CA LEU A 613 -15.84 -13.81 15.09
C LEU A 613 -16.51 -15.03 14.46
N GLU A 614 -17.44 -14.82 13.54
CA GLU A 614 -18.13 -15.92 12.87
C GLU A 614 -17.35 -16.42 11.68
N VAL A 615 -16.25 -15.76 11.33
CA VAL A 615 -15.46 -16.16 10.17
C VAL A 615 -14.39 -17.17 10.58
N GLU A 616 -14.28 -18.27 9.85
CA GLU A 616 -13.31 -19.32 10.17
C GLU A 616 -11.95 -18.90 9.63
N ILE A 617 -10.92 -19.03 10.46
CA ILE A 617 -9.61 -18.59 10.06
C ILE A 617 -8.93 -19.65 9.18
N LEU A 618 -8.41 -19.22 8.04
CA LEU A 618 -7.68 -20.06 7.09
C LEU A 618 -6.21 -19.88 7.30
N PRO A 619 -5.38 -20.79 6.78
CA PRO A 619 -3.97 -20.48 6.77
C PRO A 619 -3.71 -19.13 6.11
N PHE A 620 -2.88 -18.29 6.71
CA PHE A 620 -2.38 -17.08 6.04
C PHE A 620 -1.66 -17.35 4.69
N THR A 621 -0.72 -18.30 4.69
CA THR A 621 0.06 -18.64 3.50
C THR A 621 0.46 -20.10 3.64
N ASP A 622 0.69 -20.75 2.52
CA ASP A 622 1.07 -22.16 2.55
C ASP A 622 2.57 -22.31 2.35
N PHE A 623 3.33 -21.22 2.41
CA PHE A 623 4.76 -21.27 2.15
C PHE A 623 5.50 -22.33 2.99
N TYR A 624 5.05 -22.60 4.23
CA TYR A 624 5.68 -23.68 5.01
C TYR A 624 4.61 -24.66 5.52
N ALA A 625 3.54 -24.84 4.74
CA ALA A 625 2.43 -25.74 5.06
C ALA A 625 2.86 -27.18 5.30
N ASP A 626 3.90 -27.60 4.62
CA ASP A 626 4.39 -28.98 4.68
C ASP A 626 5.14 -29.34 6.00
N LYS A 627 5.59 -28.32 6.73
CA LYS A 627 6.46 -28.53 7.87
C LYS A 627 5.62 -28.85 9.10
N ASP A 628 6.27 -29.34 10.15
CA ASP A 628 5.53 -29.71 11.36
C ASP A 628 5.23 -28.49 12.24
N PHE A 629 6.08 -27.48 12.14
CA PHE A 629 5.82 -26.23 12.88
C PHE A 629 4.69 -25.41 12.24
N ALA A 630 4.07 -24.53 13.01
CA ALA A 630 2.94 -23.72 12.53
C ALA A 630 3.37 -22.33 12.06
N ALA A 631 4.48 -21.83 12.56
CA ALA A 631 4.90 -20.47 12.20
C ALA A 631 5.09 -20.33 10.71
N THR A 632 5.29 -19.09 10.26
CA THR A 632 5.47 -18.85 8.84
C THR A 632 6.25 -17.55 8.58
N THR A 633 6.24 -17.13 7.32
CA THR A 633 6.85 -15.87 6.90
C THR A 633 5.74 -14.95 6.40
N ALA A 634 5.66 -13.76 6.98
CA ALA A 634 4.70 -12.73 6.54
C ALA A 634 5.32 -11.41 6.80
N ASN A 635 5.76 -10.73 5.74
CA ASN A 635 6.61 -9.54 5.90
C ASN A 635 6.13 -8.29 5.14
N GLN A 636 4.83 -8.14 5.01
CA GLN A 636 4.23 -6.93 4.44
C GLN A 636 3.22 -6.45 5.45
N TRP A 637 3.49 -5.29 6.04
CA TRP A 637 2.62 -4.74 7.06
C TRP A 637 1.16 -4.72 6.60
N HIS A 638 0.92 -4.28 5.37
CA HIS A 638 -0.43 -4.03 4.94
C HIS A 638 -1.28 -5.29 4.80
N THR A 639 -0.63 -6.43 4.54
CA THR A 639 -1.36 -7.72 4.51
C THR A 639 -1.36 -8.42 5.87
N ILE A 640 -0.40 -8.09 6.73
CA ILE A 640 -0.51 -8.53 8.12
C ILE A 640 -1.73 -7.93 8.79
N ALA A 641 -1.94 -6.63 8.60
CA ALA A 641 -2.86 -5.87 9.44
C ALA A 641 -4.36 -6.01 9.09
N THR A 642 -4.66 -6.41 7.85
CA THR A 642 -6.04 -6.45 7.39
C THR A 642 -6.18 -7.25 6.11
N ALA A 643 -7.33 -7.92 5.99
CA ALA A 643 -7.74 -8.63 4.76
C ALA A 643 -8.45 -7.69 3.77
N SER A 644 -8.70 -6.47 4.21
CA SER A 644 -9.35 -5.47 3.38
C SER A 644 -8.38 -4.84 2.38
N THR A 645 -8.91 -4.03 1.48
CA THR A 645 -8.06 -3.18 0.66
C THR A 645 -7.57 -2.04 1.53
N ILE A 646 -6.36 -1.59 1.23
CA ILE A 646 -5.85 -0.43 1.94
C ILE A 646 -4.95 0.49 1.10
N TYR A 647 -4.19 -0.06 0.16
CA TYR A 647 -3.44 0.79 -0.79
C TYR A 647 -4.04 0.83 -2.19
N THR A 648 -4.81 -0.18 -2.58
CA THR A 648 -5.36 -0.23 -3.91
C THR A 648 -6.60 0.67 -4.03
N THR A 649 -6.97 0.96 -5.26
CA THR A 649 -8.08 1.84 -5.59
C THR A 649 -9.34 1.04 -5.82
N VAL B 25 -55.61 6.98 1.78
CA VAL B 25 -55.73 6.79 0.29
C VAL B 25 -56.44 5.47 -0.04
N ARG B 26 -57.26 5.48 -1.08
CA ARG B 26 -57.92 4.29 -1.60
C ARG B 26 -57.58 4.11 -3.09
N PHE B 27 -57.27 2.87 -3.49
CA PHE B 27 -56.93 2.52 -4.88
C PHE B 27 -57.93 1.52 -5.47
N THR B 28 -58.14 1.58 -6.77
CA THR B 28 -58.81 0.51 -7.50
C THR B 28 -57.94 0.06 -8.66
N GLY B 29 -58.00 -1.23 -8.99
CA GLY B 29 -57.22 -1.79 -10.12
C GLY B 29 -55.85 -2.36 -9.75
N LEU B 30 -55.52 -2.37 -8.46
CA LEU B 30 -54.26 -2.91 -8.00
C LEU B 30 -54.28 -4.43 -7.82
N SER B 31 -53.16 -5.08 -8.15
CA SER B 31 -52.93 -6.48 -7.78
C SER B 31 -52.54 -6.52 -6.32
N LEU B 32 -52.46 -7.73 -5.78
CA LEU B 32 -51.98 -7.92 -4.42
C LEU B 32 -50.52 -7.48 -4.29
N LYS B 33 -49.71 -7.91 -5.24
CA LYS B 33 -48.31 -7.57 -5.26
C LYS B 33 -48.13 -6.04 -5.19
N GLN B 34 -48.90 -5.31 -5.99
CA GLN B 34 -48.82 -3.85 -5.98
C GLN B 34 -49.27 -3.23 -4.66
N THR B 35 -50.38 -3.74 -4.12
CA THR B 35 -50.89 -3.34 -2.81
C THR B 35 -49.83 -3.52 -1.72
N GLN B 36 -49.14 -4.66 -1.72
CA GLN B 36 -48.06 -4.88 -0.76
C GLN B 36 -46.91 -3.89 -0.93
N ALA B 37 -46.53 -3.63 -2.18
CA ALA B 37 -45.42 -2.70 -2.46
C ALA B 37 -45.74 -1.28 -1.95
N ILE B 38 -46.95 -0.80 -2.23
CA ILE B 38 -47.38 0.52 -1.79
C ILE B 38 -47.39 0.66 -0.26
N GLU B 39 -47.85 -0.37 0.45
CA GLU B 39 -47.69 -0.40 1.91
C GLU B 39 -46.26 -0.07 2.35
N VAL B 40 -45.28 -0.76 1.76
CA VAL B 40 -43.89 -0.50 2.12
C VAL B 40 -43.53 0.96 1.84
N LEU B 41 -43.92 1.44 0.67
CA LEU B 41 -43.54 2.77 0.25
C LEU B 41 -44.20 3.89 1.05
N LYS B 42 -45.32 3.62 1.71
CA LYS B 42 -45.88 4.61 2.63
C LYS B 42 -44.87 4.99 3.73
N GLY B 43 -43.85 4.17 3.94
CA GLY B 43 -42.75 4.54 4.82
C GLY B 43 -41.93 5.73 4.35
N HIS B 44 -41.99 6.05 3.05
CA HIS B 44 -41.21 7.14 2.44
C HIS B 44 -42.04 8.32 2.01
N ILE B 45 -43.24 8.03 1.47
CA ILE B 45 -44.10 9.10 0.92
C ILE B 45 -45.46 9.15 1.61
N SER B 46 -46.08 10.33 1.62
CA SER B 46 -47.37 10.59 2.27
C SER B 46 -48.46 10.63 1.22
N LEU B 47 -49.21 9.53 1.08
CA LEU B 47 -50.27 9.51 0.10
C LEU B 47 -51.46 10.31 0.65
N PRO B 48 -51.94 11.29 -0.11
CA PRO B 48 -53.10 12.05 0.38
C PRO B 48 -54.37 11.19 0.33
N ASP B 49 -55.39 11.60 1.07
CA ASP B 49 -56.65 10.86 1.21
C ASP B 49 -57.52 11.05 -0.04
N VAL B 50 -57.12 10.43 -1.15
CA VAL B 50 -57.79 10.54 -2.45
C VAL B 50 -58.04 9.15 -3.05
N GLU B 51 -58.77 9.11 -4.17
CA GLU B 51 -59.09 7.87 -4.86
C GLU B 51 -58.35 7.85 -6.20
N VAL B 52 -57.60 6.77 -6.42
CA VAL B 52 -56.78 6.60 -7.62
C VAL B 52 -57.15 5.30 -8.32
N ALA B 53 -57.56 5.42 -9.58
CA ALA B 53 -57.87 4.28 -10.41
C ALA B 53 -56.62 3.94 -11.24
N VAL B 54 -56.10 2.74 -11.07
CA VAL B 54 -54.81 2.35 -11.65
C VAL B 54 -55.00 1.29 -12.73
N THR B 55 -54.39 1.51 -13.88
CA THR B 55 -54.32 0.47 -14.92
C THR B 55 -53.03 0.62 -15.69
N GLN B 56 -52.56 -0.48 -16.26
CA GLN B 56 -51.44 -0.50 -17.15
C GLN B 56 -51.91 0.07 -18.46
N SER B 57 -51.04 0.84 -19.11
CA SER B 57 -51.31 1.31 -20.45
C SER B 57 -50.03 1.57 -21.22
N ASP B 58 -50.09 1.29 -22.51
CA ASP B 58 -48.98 1.53 -23.42
C ASP B 58 -48.86 2.99 -23.80
N GLN B 59 -49.87 3.79 -23.50
CA GLN B 59 -49.93 5.14 -24.00
C GLN B 59 -48.75 6.02 -23.50
N ALA B 60 -48.24 5.75 -22.31
CA ALA B 60 -47.15 6.56 -21.77
C ALA B 60 -46.44 5.79 -20.66
N SER B 61 -45.17 6.11 -20.46
CA SER B 61 -44.44 5.55 -19.31
C SER B 61 -45.30 5.73 -18.09
N ILE B 62 -45.74 6.97 -17.88
CA ILE B 62 -46.65 7.34 -16.79
C ILE B 62 -47.64 8.41 -17.28
N SER B 63 -48.90 8.27 -16.91
CA SER B 63 -49.86 9.34 -17.07
C SER B 63 -50.75 9.43 -15.84
N ILE B 64 -51.16 10.64 -15.50
CA ILE B 64 -52.04 10.93 -14.38
C ILE B 64 -52.95 12.10 -14.76
N GLU B 65 -54.26 11.88 -14.62
CA GLU B 65 -55.28 12.90 -14.87
C GLU B 65 -56.32 12.84 -13.75
N GLY B 66 -57.15 13.88 -13.67
CA GLY B 66 -58.27 13.89 -12.73
C GLY B 66 -58.29 15.15 -11.89
N GLU B 67 -59.24 15.20 -10.95
CA GLU B 67 -59.43 16.36 -10.12
C GLU B 67 -60.35 16.01 -8.96
N GLU B 68 -60.56 16.97 -8.07
CA GLU B 68 -61.52 16.86 -6.98
C GLU B 68 -61.47 15.50 -6.28
N GLY B 69 -60.25 15.02 -6.00
CA GLY B 69 -60.05 13.81 -5.22
C GLY B 69 -60.11 12.50 -6.00
N HIS B 70 -60.39 12.58 -7.30
CA HIS B 70 -60.56 11.40 -8.14
C HIS B 70 -59.58 11.41 -9.32
N TYR B 71 -58.72 10.39 -9.38
CA TYR B 71 -57.61 10.38 -10.35
C TYR B 71 -57.49 9.06 -11.09
N GLN B 72 -57.02 9.16 -12.33
CA GLN B 72 -56.75 8.01 -13.17
C GLN B 72 -55.25 7.99 -13.46
N LEU B 73 -54.60 6.90 -13.07
CA LEU B 73 -53.15 6.76 -13.17
C LEU B 73 -52.81 5.56 -14.02
N THR B 74 -52.08 5.77 -15.11
CA THR B 74 -51.57 4.65 -15.91
C THR B 74 -50.05 4.55 -15.87
N TYR B 75 -49.53 3.34 -16.05
CA TYR B 75 -48.10 3.09 -16.17
C TYR B 75 -47.88 2.12 -17.32
N ARG B 76 -46.76 2.24 -18.03
CA ARG B 76 -46.40 1.29 -19.07
C ARG B 76 -45.78 0.00 -18.52
N LYS B 77 -44.79 0.14 -17.63
CA LYS B 77 -44.09 -1.01 -17.09
C LYS B 77 -44.40 -1.04 -15.61
N PRO B 78 -44.56 -2.23 -15.03
CA PRO B 78 -45.03 -2.35 -13.66
C PRO B 78 -44.29 -1.47 -12.64
N HIS B 79 -42.97 -1.41 -12.72
CA HIS B 79 -42.20 -0.64 -11.73
C HIS B 79 -42.49 0.85 -11.77
N GLN B 80 -42.92 1.36 -12.93
CA GLN B 80 -43.22 2.78 -13.10
C GLN B 80 -44.42 3.28 -12.27
N LEU B 81 -45.21 2.35 -11.75
CA LEU B 81 -46.28 2.71 -10.80
C LEU B 81 -45.70 3.54 -9.65
N TYR B 82 -44.52 3.14 -9.18
CA TYR B 82 -43.99 3.68 -7.95
C TYR B 82 -43.49 5.10 -8.16
N ARG B 83 -42.81 5.39 -9.27
CA ARG B 83 -42.54 6.80 -9.62
C ARG B 83 -43.85 7.58 -9.82
N ALA B 84 -44.84 6.97 -10.48
CA ALA B 84 -46.14 7.64 -10.68
C ALA B 84 -46.74 8.11 -9.37
N LEU B 85 -46.64 7.29 -8.32
CA LEU B 85 -47.13 7.66 -7.01
C LEU B 85 -46.35 8.83 -6.40
N SER B 86 -45.03 8.80 -6.53
CA SER B 86 -44.20 9.94 -6.11
C SER B 86 -44.69 11.23 -6.79
N LEU B 87 -44.88 11.17 -8.11
CA LEU B 87 -45.34 12.32 -8.87
C LEU B 87 -46.72 12.81 -8.38
N LEU B 88 -47.62 11.87 -8.11
CA LEU B 88 -48.97 12.23 -7.65
C LEU B 88 -48.95 12.94 -6.30
N VAL B 89 -48.18 12.43 -5.36
CA VAL B 89 -48.08 13.07 -4.05
C VAL B 89 -47.58 14.50 -4.24
N THR B 90 -46.58 14.67 -5.11
CA THR B 90 -45.96 15.95 -5.36
C THR B 90 -46.97 16.96 -5.89
N VAL B 91 -47.57 16.63 -7.02
CA VAL B 91 -48.45 17.55 -7.72
C VAL B 91 -49.70 17.90 -6.90
N LEU B 92 -50.20 16.96 -6.10
CA LEU B 92 -51.41 17.22 -5.30
C LEU B 92 -51.13 18.19 -4.18
N ALA B 93 -49.88 18.40 -3.81
CA ALA B 93 -49.54 19.46 -2.88
C ALA B 93 -49.65 20.81 -3.59
N GLU B 94 -49.38 20.83 -4.89
CA GLU B 94 -49.48 22.05 -5.70
C GLU B 94 -50.94 22.36 -5.99
N ALA B 95 -51.69 21.36 -6.45
CA ALA B 95 -53.00 21.57 -7.04
C ALA B 95 -53.96 20.37 -6.95
N ASP B 96 -55.25 20.66 -7.05
CA ASP B 96 -56.32 19.66 -7.09
C ASP B 96 -56.37 18.92 -8.44
N LYS B 97 -56.19 19.71 -9.50
CA LYS B 97 -56.18 19.23 -10.89
C LYS B 97 -54.80 18.68 -11.26
N VAL B 98 -54.79 17.58 -12.02
CA VAL B 98 -53.54 16.95 -12.43
C VAL B 98 -53.56 16.58 -13.92
N GLU B 99 -52.48 16.91 -14.61
CA GLU B 99 -52.27 16.52 -15.99
C GLU B 99 -50.81 16.11 -16.16
N ILE B 100 -50.53 14.84 -15.98
CA ILE B 100 -49.16 14.37 -16.05
C ILE B 100 -49.04 13.32 -17.14
N GLU B 101 -48.01 13.45 -17.96
CA GLU B 101 -47.65 12.42 -18.94
C GLU B 101 -46.13 12.37 -19.11
N GLU B 102 -45.52 11.21 -18.89
CA GLU B 102 -44.07 11.10 -19.09
C GLU B 102 -43.75 10.00 -20.07
N GLN B 103 -42.75 10.25 -20.92
CA GLN B 103 -42.19 9.26 -21.82
C GLN B 103 -40.70 9.11 -21.55
N ALA B 104 -40.32 8.00 -20.90
CA ALA B 104 -38.92 7.78 -20.53
C ALA B 104 -38.09 7.57 -21.79
N ALA B 105 -36.87 8.12 -21.83
CA ALA B 105 -36.01 7.92 -22.99
C ALA B 105 -35.31 6.59 -22.96
N TYR B 106 -35.08 6.05 -21.77
CA TYR B 106 -34.30 4.84 -21.62
C TYR B 106 -35.19 3.65 -21.24
N GLU B 107 -35.01 2.56 -21.98
CA GLU B 107 -35.63 1.28 -21.71
C GLU B 107 -35.30 0.81 -20.29
N ASP B 108 -34.05 1.05 -19.88
CA ASP B 108 -33.65 0.69 -18.54
C ASP B 108 -32.75 1.76 -17.94
N LEU B 109 -33.02 2.05 -16.68
CA LEU B 109 -32.20 2.95 -15.88
C LEU B 109 -31.80 2.16 -14.65
N ALA B 110 -30.49 2.02 -14.45
CA ALA B 110 -29.96 1.21 -13.36
C ALA B 110 -29.10 2.04 -12.45
N TYR B 111 -29.03 1.61 -11.18
CA TYR B 111 -28.02 2.09 -10.26
C TYR B 111 -27.19 0.93 -9.75
N MET B 112 -25.87 1.10 -9.87
CA MET B 112 -24.88 0.12 -9.43
C MET B 112 -24.08 0.60 -8.20
N VAL B 113 -24.22 -0.14 -7.10
CA VAL B 113 -23.53 0.13 -5.86
C VAL B 113 -22.19 -0.61 -5.83
N ASP B 114 -21.13 0.10 -5.47
CA ASP B 114 -19.83 -0.55 -5.29
C ASP B 114 -19.84 -1.26 -3.96
N CYS B 115 -19.63 -2.58 -4.00
CA CYS B 115 -19.51 -3.37 -2.79
C CYS B 115 -18.15 -4.05 -2.72
N SER B 116 -17.15 -3.44 -3.37
CA SER B 116 -15.84 -4.05 -3.49
C SER B 116 -14.70 -3.20 -2.93
N ARG B 117 -15.02 -1.98 -2.51
CA ARG B 117 -14.01 -1.03 -2.10
C ARG B 117 -13.87 -0.98 -0.58
N ASN B 118 -14.41 -2.04 0.06
CA ASN B 118 -14.40 -2.31 1.51
C ASN B 118 -15.81 -2.18 2.10
N ALA B 119 -16.66 -1.35 1.47
CA ALA B 119 -18.00 -1.10 1.96
C ALA B 119 -18.96 -2.01 1.25
N VAL B 120 -19.44 -3.02 1.96
CA VAL B 120 -20.41 -3.95 1.43
C VAL B 120 -21.78 -3.55 2.00
N LEU B 121 -22.67 -3.11 1.12
CA LEU B 121 -23.99 -2.67 1.47
C LEU B 121 -24.73 -3.78 2.22
N ASN B 122 -25.19 -3.50 3.44
CA ASN B 122 -25.90 -4.51 4.20
C ASN B 122 -27.29 -4.72 3.60
N VAL B 123 -27.87 -5.87 3.89
CA VAL B 123 -29.13 -6.26 3.28
C VAL B 123 -30.23 -5.25 3.60
N ALA B 124 -30.29 -4.77 4.84
CA ALA B 124 -31.30 -3.79 5.22
C ALA B 124 -31.19 -2.51 4.38
N SER B 125 -29.97 -2.03 4.16
CA SER B 125 -29.78 -0.82 3.35
C SER B 125 -30.07 -1.09 1.85
N ALA B 126 -29.80 -2.30 1.38
CA ALA B 126 -30.14 -2.66 -0.01
C ALA B 126 -31.64 -2.53 -0.19
N LYS B 127 -32.43 -2.99 0.78
CA LYS B 127 -33.88 -2.85 0.70
C LYS B 127 -34.34 -1.38 0.70
N GLN B 128 -33.77 -0.55 1.57
CA GLN B 128 -34.08 0.89 1.54
C GLN B 128 -33.71 1.49 0.19
N MET B 129 -32.55 1.11 -0.33
CA MET B 129 -32.09 1.64 -1.60
C MET B 129 -33.05 1.23 -2.70
N ILE B 130 -33.49 -0.02 -2.68
CA ILE B 130 -34.44 -0.49 -3.70
C ILE B 130 -35.75 0.32 -3.64
N GLU B 131 -36.25 0.56 -2.44
CA GLU B 131 -37.47 1.31 -2.24
C GLU B 131 -37.36 2.70 -2.85
N ILE B 132 -36.24 3.37 -2.59
CA ILE B 132 -36.01 4.73 -3.10
C ILE B 132 -35.87 4.73 -4.63
N LEU B 133 -35.07 3.79 -5.16
CA LEU B 133 -34.90 3.62 -6.61
C LEU B 133 -36.22 3.37 -7.36
N ALA B 134 -37.11 2.60 -6.74
CA ALA B 134 -38.47 2.41 -7.23
C ALA B 134 -39.24 3.72 -7.34
N LEU B 135 -39.20 4.51 -6.28
CA LEU B 135 -39.90 5.78 -6.27
C LEU B 135 -39.32 6.73 -7.30
N MET B 136 -38.03 6.61 -7.57
CA MET B 136 -37.37 7.52 -8.52
C MET B 136 -37.70 7.19 -9.95
N GLY B 137 -37.93 5.91 -10.22
CA GLY B 137 -38.15 5.44 -11.57
C GLY B 137 -37.10 4.49 -12.17
N TYR B 138 -36.16 4.02 -11.36
CA TYR B 138 -35.16 3.03 -11.82
C TYR B 138 -35.81 1.68 -12.06
N SER B 139 -35.40 1.03 -13.15
CA SER B 139 -35.87 -0.30 -13.47
C SER B 139 -34.97 -1.39 -12.87
N THR B 140 -33.76 -1.02 -12.49
CA THR B 140 -32.73 -2.02 -12.25
C THR B 140 -31.79 -1.59 -11.11
N PHE B 141 -31.49 -2.56 -10.24
CA PHE B 141 -30.54 -2.41 -9.16
C PHE B 141 -29.35 -3.36 -9.39
N GLU B 142 -28.14 -2.84 -9.18
CA GLU B 142 -26.93 -3.61 -9.41
C GLU B 142 -25.95 -3.44 -8.25
N LEU B 143 -25.21 -4.51 -7.97
CA LEU B 143 -24.15 -4.51 -6.98
C LEU B 143 -22.87 -4.90 -7.65
N TYR B 144 -21.80 -4.13 -7.44
CA TYR B 144 -20.50 -4.44 -8.02
C TYR B 144 -19.62 -5.21 -7.05
N MET B 145 -19.36 -6.47 -7.40
CA MET B 145 -18.72 -7.41 -6.51
C MET B 145 -17.53 -8.06 -7.18
N GLU B 146 -16.34 -7.60 -6.82
CA GLU B 146 -15.09 -8.20 -7.32
C GLU B 146 -14.90 -9.58 -6.71
N ASP B 147 -14.63 -9.60 -5.42
CA ASP B 147 -14.46 -10.84 -4.69
C ASP B 147 -15.50 -10.99 -3.58
N THR B 148 -16.48 -10.10 -3.54
CA THR B 148 -17.42 -10.03 -2.42
C THR B 148 -18.77 -10.78 -2.65
N TYR B 149 -18.66 -11.97 -3.23
CA TYR B 149 -19.72 -12.97 -3.18
C TYR B 149 -19.10 -14.35 -3.05
N GLN B 150 -19.81 -15.25 -2.39
CA GLN B 150 -19.26 -16.54 -2.04
C GLN B 150 -19.23 -17.50 -3.22
N ILE B 151 -18.08 -18.17 -3.37
CA ILE B 151 -17.93 -19.21 -4.36
C ILE B 151 -17.53 -20.49 -3.64
N GLU B 152 -18.41 -21.47 -3.73
CA GLU B 152 -18.21 -22.81 -3.23
C GLU B 152 -16.87 -23.39 -3.70
N GLY B 153 -16.03 -23.84 -2.77
CA GLY B 153 -14.76 -24.41 -3.12
C GLY B 153 -13.65 -23.38 -3.30
N GLN B 154 -13.95 -22.11 -3.04
CA GLN B 154 -12.93 -21.06 -3.15
C GLN B 154 -12.90 -20.28 -1.85
N PRO B 155 -12.37 -20.89 -0.80
CA PRO B 155 -12.54 -20.23 0.49
C PRO B 155 -11.82 -18.89 0.66
N TYR B 156 -10.80 -18.60 -0.16
CA TYR B 156 -10.08 -17.32 -0.07
C TYR B 156 -10.77 -16.16 -0.81
N PHE B 157 -11.78 -16.49 -1.63
CA PHE B 157 -12.45 -15.51 -2.48
C PHE B 157 -13.49 -14.80 -1.61
N GLY B 158 -13.18 -13.58 -1.18
CA GLY B 158 -14.07 -12.82 -0.29
C GLY B 158 -13.81 -13.04 1.19
N TYR B 159 -12.72 -13.71 1.51
CA TYR B 159 -12.33 -14.05 2.92
C TYR B 159 -12.12 -12.80 3.77
N PHE B 160 -12.92 -12.68 4.83
CA PHE B 160 -12.93 -11.54 5.77
C PHE B 160 -13.33 -10.23 5.09
N ARG B 161 -14.07 -10.33 3.98
CA ARG B 161 -14.49 -9.18 3.22
C ARG B 161 -16.00 -8.91 3.34
N GLY B 162 -16.70 -9.77 4.06
CA GLY B 162 -18.15 -9.67 4.15
C GLY B 162 -18.82 -10.03 2.83
N ALA B 163 -18.22 -10.96 2.08
CA ALA B 163 -18.82 -11.43 0.83
C ALA B 163 -20.27 -11.92 1.01
N TYR B 164 -21.14 -11.55 0.08
CA TYR B 164 -22.52 -11.95 0.14
C TYR B 164 -22.62 -13.46 -0.04
N SER B 165 -23.44 -14.11 0.77
CA SER B 165 -23.82 -15.50 0.48
C SER B 165 -24.83 -15.51 -0.67
N ALA B 166 -25.04 -16.68 -1.25
CA ALA B 166 -26.10 -16.83 -2.25
C ALA B 166 -27.44 -16.37 -1.70
N GLU B 167 -27.71 -16.72 -0.44
CA GLU B 167 -29.02 -16.46 0.18
C GLU B 167 -29.22 -14.98 0.40
N GLU B 168 -28.17 -14.27 0.78
CA GLU B 168 -28.26 -12.81 0.85
C GLU B 168 -28.51 -12.18 -0.53
N LEU B 169 -27.83 -12.67 -1.56
CA LEU B 169 -28.07 -12.12 -2.90
C LEU B 169 -29.49 -12.44 -3.39
N GLN B 170 -29.95 -13.65 -3.11
CA GLN B 170 -31.33 -14.06 -3.46
C GLN B 170 -32.38 -13.21 -2.78
N GLU B 171 -32.12 -12.85 -1.52
CA GLU B 171 -33.02 -12.02 -0.73
C GLU B 171 -33.08 -10.61 -1.27
N ILE B 172 -31.92 -10.03 -1.52
CA ILE B 172 -31.85 -8.70 -2.15
C ILE B 172 -32.63 -8.71 -3.47
N GLU B 173 -32.36 -9.71 -4.30
CA GLU B 173 -33.06 -9.80 -5.59
C GLU B 173 -34.56 -9.97 -5.45
N ALA B 174 -34.98 -10.89 -4.59
CA ALA B 174 -36.44 -11.12 -4.38
C ALA B 174 -37.08 -9.82 -3.87
N TYR B 175 -36.35 -9.05 -3.05
CA TYR B 175 -36.90 -7.81 -2.53
C TYR B 175 -37.10 -6.84 -3.69
N ALA B 176 -36.10 -6.70 -4.55
CA ALA B 176 -36.24 -5.90 -5.75
C ALA B 176 -37.43 -6.38 -6.59
N GLN B 177 -37.60 -7.69 -6.73
CA GLN B 177 -38.73 -8.23 -7.48
C GLN B 177 -40.09 -7.76 -6.91
N GLN B 178 -40.16 -7.44 -5.61
CA GLN B 178 -41.41 -6.99 -5.03
C GLN B 178 -41.90 -5.73 -5.72
N PHE B 179 -40.94 -4.93 -6.23
CA PHE B 179 -41.22 -3.65 -6.88
C PHE B 179 -41.07 -3.69 -8.39
N ASP B 180 -40.92 -4.90 -8.91
CA ASP B 180 -40.69 -5.17 -10.33
C ASP B 180 -39.42 -4.48 -10.81
N VAL B 181 -38.42 -4.50 -9.94
CA VAL B 181 -37.10 -3.99 -10.26
C VAL B 181 -36.26 -5.23 -10.45
N THR B 182 -35.49 -5.25 -11.53
CA THR B 182 -34.67 -6.40 -11.81
C THR B 182 -33.27 -6.16 -11.21
N PHE B 183 -32.52 -7.24 -11.16
CA PHE B 183 -31.25 -7.26 -10.51
C PHE B 183 -30.19 -7.77 -11.48
N VAL B 184 -29.05 -7.09 -11.49
CA VAL B 184 -27.91 -7.41 -12.35
C VAL B 184 -26.66 -7.38 -11.48
N PRO B 185 -26.05 -8.53 -11.24
CA PRO B 185 -24.75 -8.51 -10.59
C PRO B 185 -23.67 -7.99 -11.53
N CYS B 186 -22.78 -7.15 -11.01
CA CYS B 186 -21.61 -6.73 -11.74
C CYS B 186 -20.42 -7.39 -11.08
N ILE B 187 -19.68 -8.20 -11.85
CA ILE B 187 -18.56 -8.98 -11.30
C ILE B 187 -17.27 -8.68 -12.08
N GLN B 188 -16.20 -9.38 -11.71
CA GLN B 188 -14.94 -9.31 -12.47
C GLN B 188 -14.45 -10.66 -12.91
N THR B 189 -14.15 -10.74 -14.21
CA THR B 189 -13.68 -11.96 -14.83
C THR B 189 -12.29 -11.83 -15.48
N LEU B 190 -11.60 -10.73 -15.22
CA LEU B 190 -10.23 -10.54 -15.72
C LEU B 190 -9.36 -9.87 -14.67
N ALA B 191 -9.61 -8.59 -14.41
CA ALA B 191 -8.80 -7.79 -13.48
C ALA B 191 -9.67 -7.27 -12.33
N HIS B 192 -9.14 -6.32 -11.55
CA HIS B 192 -9.84 -5.78 -10.36
C HIS B 192 -10.15 -6.88 -9.36
N LEU B 193 -9.21 -7.80 -9.18
CA LEU B 193 -9.39 -8.87 -8.19
C LEU B 193 -8.29 -8.83 -7.11
N SER B 194 -7.83 -7.64 -6.78
CA SER B 194 -6.66 -7.48 -5.93
C SER B 194 -6.85 -8.07 -4.54
N ALA B 195 -8.04 -7.94 -3.98
CA ALA B 195 -8.29 -8.42 -2.62
C ALA B 195 -8.25 -9.95 -2.52
N PHE B 196 -8.51 -10.63 -3.64
CA PHE B 196 -8.48 -12.08 -3.74
C PHE B 196 -7.07 -12.53 -4.07
N VAL B 197 -6.47 -11.98 -5.13
CA VAL B 197 -5.22 -12.53 -5.64
C VAL B 197 -4.02 -12.33 -4.70
N LYS B 198 -4.15 -11.51 -3.66
CA LYS B 198 -3.06 -11.35 -2.66
C LYS B 198 -2.75 -12.59 -1.82
N TRP B 199 -3.73 -13.49 -1.66
CA TRP B 199 -3.57 -14.59 -0.74
C TRP B 199 -2.51 -15.60 -1.21
N GLY B 200 -1.49 -15.75 -0.36
CA GLY B 200 -0.29 -16.51 -0.68
C GLY B 200 -0.46 -18.01 -0.44
N VAL B 201 -1.39 -18.59 -1.19
CA VAL B 201 -1.56 -20.04 -1.25
C VAL B 201 -1.53 -20.43 -2.72
N LYS B 202 -1.16 -21.69 -2.99
CA LYS B 202 -0.91 -22.08 -4.39
C LYS B 202 -2.18 -21.98 -5.23
N GLU B 203 -3.32 -22.25 -4.63
CA GLU B 203 -4.60 -22.26 -5.35
C GLU B 203 -5.07 -20.87 -5.77
N VAL B 204 -4.47 -19.84 -5.20
CA VAL B 204 -4.71 -18.47 -5.61
C VAL B 204 -3.58 -18.01 -6.53
N GLN B 205 -2.34 -18.16 -6.10
CA GLN B 205 -1.21 -17.68 -6.89
C GLN B 205 -1.19 -18.27 -8.30
N GLU B 206 -1.57 -19.53 -8.46
CA GLU B 206 -1.56 -20.16 -9.80
C GLU B 206 -2.57 -19.53 -10.77
N LEU B 207 -3.49 -18.70 -10.26
CA LEU B 207 -4.49 -18.03 -11.08
C LEU B 207 -4.00 -16.67 -11.59
N ARG B 208 -2.79 -16.27 -11.23
CA ARG B 208 -2.35 -14.89 -11.49
C ARG B 208 -1.48 -14.67 -12.72
N ASP B 209 -1.76 -13.58 -13.42
CA ASP B 209 -0.86 -13.07 -14.41
C ASP B 209 0.10 -12.06 -13.79
N VAL B 210 -0.44 -10.94 -13.33
CA VAL B 210 0.33 -9.78 -12.85
C VAL B 210 -0.67 -8.83 -12.19
N GLU B 211 -0.18 -8.09 -11.20
CA GLU B 211 -0.99 -7.16 -10.41
C GLU B 211 -2.34 -7.78 -10.02
N ASP B 212 -3.45 -7.22 -10.51
CA ASP B 212 -4.77 -7.61 -10.09
C ASP B 212 -5.46 -8.44 -11.17
N ILE B 213 -4.66 -9.02 -12.09
CA ILE B 213 -5.18 -9.64 -13.29
C ILE B 213 -5.02 -11.15 -13.24
N LEU B 214 -6.08 -11.84 -13.66
CA LEU B 214 -6.09 -13.31 -13.75
C LEU B 214 -5.30 -13.78 -14.96
N LEU B 215 -4.84 -15.02 -14.88
CA LEU B 215 -3.99 -15.62 -15.91
C LEU B 215 -4.84 -16.23 -17.02
N ILE B 216 -4.88 -15.55 -18.17
CA ILE B 216 -5.67 -16.02 -19.28
C ILE B 216 -5.05 -17.34 -19.78
N GLY B 217 -5.93 -18.26 -20.16
CA GLY B 217 -5.50 -19.56 -20.70
C GLY B 217 -5.17 -20.61 -19.64
N GLU B 218 -5.35 -20.29 -18.36
CA GLU B 218 -5.10 -21.27 -17.29
C GLU B 218 -6.44 -21.88 -16.92
N GLU B 219 -6.55 -23.21 -16.97
CA GLU B 219 -7.83 -23.85 -16.79
C GLU B 219 -8.39 -23.63 -15.39
N LYS B 220 -7.52 -23.49 -14.41
CA LYS B 220 -7.96 -23.24 -13.04
C LYS B 220 -8.57 -21.84 -12.91
N VAL B 221 -8.15 -20.91 -13.78
CA VAL B 221 -8.84 -19.62 -13.91
C VAL B 221 -10.27 -19.85 -14.43
N TYR B 222 -10.42 -20.66 -15.48
CA TYR B 222 -11.74 -20.96 -16.03
C TYR B 222 -12.61 -21.77 -15.08
N ASP B 223 -12.01 -22.62 -14.25
CA ASP B 223 -12.73 -23.27 -13.15
C ASP B 223 -13.24 -22.25 -12.13
N LEU B 224 -12.40 -21.28 -11.78
CA LEU B 224 -12.81 -20.22 -10.89
C LEU B 224 -14.03 -19.52 -11.46
N ILE B 225 -13.94 -19.12 -12.73
CA ILE B 225 -15.00 -18.34 -13.37
C ILE B 225 -16.30 -19.14 -13.50
N ASP B 226 -16.17 -20.45 -13.75
CA ASP B 226 -17.31 -21.33 -13.74
C ASP B 226 -17.96 -21.26 -12.36
N GLY B 227 -17.14 -21.31 -11.31
CA GLY B 227 -17.65 -21.14 -9.93
C GLY B 227 -18.43 -19.84 -9.73
N MET B 228 -17.92 -18.75 -10.31
CA MET B 228 -18.61 -17.47 -10.21
C MET B 228 -20.01 -17.61 -10.79
N PHE B 229 -20.12 -18.18 -11.97
CA PHE B 229 -21.44 -18.30 -12.59
C PHE B 229 -22.31 -19.35 -11.91
N ALA B 230 -21.70 -20.34 -11.25
CA ALA B 230 -22.46 -21.30 -10.47
C ALA B 230 -23.17 -20.58 -9.33
N THR B 231 -22.48 -19.66 -8.67
CA THR B 231 -23.09 -18.89 -7.61
C THR B 231 -24.23 -18.00 -8.15
N LEU B 232 -23.94 -17.25 -9.20
CA LEU B 232 -24.91 -16.30 -9.75
C LEU B 232 -26.16 -17.02 -10.29
N SER B 233 -25.99 -18.28 -10.75
CA SER B 233 -27.12 -19.02 -11.32
C SER B 233 -28.18 -19.37 -10.29
N LYS B 234 -27.83 -19.25 -9.01
CA LYS B 234 -28.80 -19.43 -7.94
C LYS B 234 -29.76 -18.24 -7.87
N LEU B 235 -29.44 -17.15 -8.56
CA LEU B 235 -30.33 -16.01 -8.71
C LEU B 235 -31.33 -16.28 -9.84
N LYS B 236 -32.39 -15.49 -9.89
CA LYS B 236 -33.36 -15.57 -10.99
C LYS B 236 -32.84 -14.87 -12.21
N THR B 237 -32.22 -13.72 -12.01
CA THR B 237 -31.75 -12.92 -13.12
C THR B 237 -30.81 -13.73 -14.01
N ARG B 238 -30.88 -13.46 -15.30
CA ARG B 238 -29.92 -14.00 -16.24
C ARG B 238 -29.19 -12.90 -17.03
N LYS B 239 -28.98 -11.77 -16.36
CA LYS B 239 -28.23 -10.67 -16.95
C LYS B 239 -27.09 -10.34 -16.00
N VAL B 240 -25.89 -10.15 -16.55
CA VAL B 240 -24.69 -9.93 -15.73
C VAL B 240 -23.72 -9.02 -16.47
N ASN B 241 -23.03 -8.18 -15.71
CA ASN B 241 -21.90 -7.42 -16.22
C ASN B 241 -20.64 -8.13 -15.75
N ILE B 242 -19.86 -8.66 -16.71
CA ILE B 242 -18.68 -9.49 -16.41
C ILE B 242 -17.37 -8.72 -16.22
N GLY B 243 -17.46 -7.39 -16.21
CA GLY B 243 -16.32 -6.56 -15.95
C GLY B 243 -15.37 -6.47 -17.13
N MET B 244 -14.12 -6.77 -16.84
CA MET B 244 -13.02 -6.71 -17.81
C MET B 244 -12.50 -5.31 -18.15
N ASP B 245 -12.74 -4.33 -17.31
CA ASP B 245 -12.06 -3.02 -17.42
C ASP B 245 -10.65 -3.09 -16.85
N GLN B 246 -9.80 -2.17 -17.32
CA GLN B 246 -8.58 -1.81 -16.62
C GLN B 246 -7.62 -2.97 -16.31
N ALA B 247 -7.36 -3.77 -17.31
CA ALA B 247 -6.42 -4.88 -17.20
C ALA B 247 -5.18 -4.46 -17.94
N HIS B 248 -4.56 -3.38 -17.47
CA HIS B 248 -3.55 -2.66 -18.28
C HIS B 248 -2.37 -3.53 -18.71
N LEU B 249 -1.83 -4.35 -17.79
CA LEU B 249 -0.67 -5.20 -18.13
C LEU B 249 -1.03 -6.63 -18.52
N VAL B 250 -2.25 -6.84 -19.02
CA VAL B 250 -2.66 -8.21 -19.36
C VAL B 250 -1.71 -8.81 -20.41
N GLY B 251 -1.27 -10.06 -20.18
CA GLY B 251 -0.38 -10.78 -21.04
C GLY B 251 1.10 -10.55 -20.78
N LEU B 252 1.45 -9.67 -19.85
CA LEU B 252 2.81 -9.21 -19.68
C LEU B 252 3.52 -9.68 -18.40
N GLY B 253 2.84 -10.47 -17.57
CA GLY B 253 3.40 -10.94 -16.32
C GLY B 253 3.78 -12.40 -16.43
N ARG B 254 3.19 -13.21 -15.56
CA ARG B 254 3.35 -14.65 -15.70
C ARG B 254 2.92 -15.17 -17.10
N TYR B 255 1.92 -14.54 -17.70
CA TYR B 255 1.51 -14.93 -19.03
C TYR B 255 2.73 -14.90 -19.96
N LEU B 256 3.49 -13.81 -19.91
CA LEU B 256 4.64 -13.60 -20.80
C LEU B 256 5.75 -14.63 -20.56
N ILE B 257 6.08 -14.85 -19.29
CA ILE B 257 7.04 -15.87 -18.87
C ILE B 257 6.65 -17.27 -19.32
N LEU B 258 5.39 -17.64 -19.17
CA LEU B 258 4.93 -18.99 -19.58
C LEU B 258 4.75 -19.11 -21.09
N ASN B 259 4.19 -18.10 -21.75
CA ASN B 259 3.74 -18.25 -23.15
C ASN B 259 4.46 -17.40 -24.18
N GLY B 260 5.36 -16.54 -23.74
CA GLY B 260 6.08 -15.69 -24.66
C GLY B 260 5.18 -14.55 -25.09
N VAL B 261 5.62 -13.83 -26.10
CA VAL B 261 4.94 -12.65 -26.61
C VAL B 261 3.74 -13.07 -27.45
N VAL B 262 2.58 -12.43 -27.23
CA VAL B 262 1.42 -12.67 -28.11
C VAL B 262 0.70 -11.38 -28.46
N ASP B 263 -0.12 -11.41 -29.50
CA ASP B 263 -0.99 -10.30 -29.89
C ASP B 263 -2.04 -10.13 -28.79
N ARG B 264 -2.00 -9.02 -28.09
CA ARG B 264 -2.81 -8.89 -26.89
C ARG B 264 -4.28 -8.69 -27.19
N SER B 265 -4.60 -8.06 -28.32
CA SER B 265 -5.98 -7.93 -28.73
C SER B 265 -6.59 -9.33 -29.01
N LEU B 266 -5.82 -10.22 -29.62
CA LEU B 266 -6.24 -11.62 -29.81
C LEU B 266 -6.38 -12.34 -28.47
N LEU B 267 -5.46 -12.08 -27.53
CA LEU B 267 -5.51 -12.70 -26.20
C LEU B 267 -6.80 -12.35 -25.44
N MET B 268 -7.15 -11.07 -25.48
CA MET B 268 -8.36 -10.57 -24.89
C MET B 268 -9.57 -11.30 -25.46
N CYS B 269 -9.63 -11.42 -26.79
CA CYS B 269 -10.75 -12.10 -27.46
C CYS B 269 -10.83 -13.55 -27.04
N GLN B 270 -9.69 -14.21 -26.95
CA GLN B 270 -9.67 -15.62 -26.53
C GLN B 270 -10.29 -15.76 -25.11
N HIS B 271 -9.84 -14.92 -24.20
CA HIS B 271 -10.34 -14.94 -22.85
C HIS B 271 -11.84 -14.63 -22.85
N LEU B 272 -12.24 -13.60 -23.57
CA LEU B 272 -13.64 -13.21 -23.61
C LEU B 272 -14.50 -14.35 -24.12
N GLU B 273 -14.05 -15.02 -25.18
CA GLU B 273 -14.80 -16.19 -25.70
C GLU B 273 -15.01 -17.26 -24.64
N ARG B 274 -13.95 -17.61 -23.93
CA ARG B 274 -14.04 -18.59 -22.87
C ARG B 274 -15.10 -18.20 -21.84
N VAL B 275 -15.08 -16.92 -21.44
CA VAL B 275 -15.97 -16.44 -20.39
C VAL B 275 -17.41 -16.44 -20.87
N LEU B 276 -17.63 -16.03 -22.10
CA LEU B 276 -18.97 -16.01 -22.68
C LEU B 276 -19.52 -17.42 -22.83
N ASP B 277 -18.63 -18.37 -23.11
CA ASP B 277 -19.00 -19.78 -23.20
C ASP B 277 -19.46 -20.28 -21.84
N ILE B 278 -18.77 -19.87 -20.78
CA ILE B 278 -19.21 -20.21 -19.43
C ILE B 278 -20.56 -19.57 -19.11
N ALA B 279 -20.72 -18.29 -19.41
CA ALA B 279 -22.02 -17.61 -19.25
C ALA B 279 -23.15 -18.35 -20.00
N ASP B 280 -22.92 -18.74 -21.25
CA ASP B 280 -23.91 -19.49 -22.02
C ASP B 280 -24.28 -20.80 -21.36
N LYS B 281 -23.30 -21.49 -20.75
CA LYS B 281 -23.57 -22.74 -20.07
C LYS B 281 -24.62 -22.53 -18.99
N TYR B 282 -24.56 -21.39 -18.31
CA TYR B 282 -25.54 -21.10 -17.27
C TYR B 282 -26.73 -20.23 -17.71
N GLY B 283 -26.89 -19.98 -19.00
CA GLY B 283 -27.98 -19.17 -19.52
C GLY B 283 -27.89 -17.66 -19.35
N PHE B 284 -26.71 -17.12 -18.99
CA PHE B 284 -26.59 -15.67 -18.82
C PHE B 284 -26.41 -14.94 -20.14
N HIS B 285 -26.85 -13.69 -20.15
CA HIS B 285 -26.53 -12.70 -21.17
C HIS B 285 -25.61 -11.66 -20.52
N CYS B 286 -24.55 -11.26 -21.21
CA CYS B 286 -23.49 -10.47 -20.60
C CYS B 286 -23.40 -9.05 -21.13
N GLN B 287 -23.06 -8.16 -20.22
CA GLN B 287 -22.54 -6.85 -20.57
C GLN B 287 -21.10 -6.82 -20.10
N MET B 288 -20.30 -5.90 -20.66
CA MET B 288 -18.92 -5.74 -20.22
C MET B 288 -18.48 -4.31 -20.40
N TRP B 289 -17.57 -3.86 -19.54
CA TRP B 289 -16.95 -2.55 -19.74
C TRP B 289 -16.12 -2.63 -21.02
N SER B 290 -16.19 -1.58 -21.83
CA SER B 290 -15.63 -1.64 -23.17
C SER B 290 -14.15 -1.27 -23.32
N ASP B 291 -13.51 -0.74 -22.26
CA ASP B 291 -12.27 0.01 -22.42
C ASP B 291 -11.07 -0.77 -22.93
N MET B 292 -10.96 -2.05 -22.59
CA MET B 292 -9.75 -2.76 -22.96
C MET B 292 -9.61 -2.95 -24.47
N PHE B 293 -10.71 -3.04 -25.22
CA PHE B 293 -10.60 -3.07 -26.69
C PHE B 293 -9.90 -1.86 -27.27
N PHE B 294 -10.29 -0.69 -26.78
CA PHE B 294 -9.70 0.58 -27.22
C PHE B 294 -8.25 0.71 -26.72
N LYS B 295 -8.05 0.33 -25.46
CA LYS B 295 -6.71 0.46 -24.87
C LYS B 295 -5.71 -0.49 -25.54
N LEU B 296 -6.11 -1.70 -25.86
CA LEU B 296 -5.16 -2.62 -26.49
C LEU B 296 -4.92 -2.28 -27.95
N MET B 297 -5.88 -1.65 -28.62
CA MET B 297 -5.73 -1.45 -30.05
C MET B 297 -5.37 -0.02 -30.43
N SER B 298 -5.28 0.86 -29.45
CA SER B 298 -4.85 2.25 -29.71
C SER B 298 -3.35 2.27 -29.49
N ALA B 299 -2.69 3.22 -30.12
CA ALA B 299 -1.23 3.30 -30.14
C ALA B 299 -0.72 3.85 -28.82
N ASP B 300 -1.53 4.61 -28.11
CA ASP B 300 -1.11 5.19 -26.83
C ASP B 300 -1.83 4.55 -25.66
N GLY B 301 -2.57 3.46 -25.88
CA GLY B 301 -3.20 2.76 -24.78
C GLY B 301 -4.33 3.51 -24.08
N GLN B 302 -5.09 4.31 -24.81
CA GLN B 302 -6.14 5.16 -24.25
C GLN B 302 -7.50 4.70 -24.69
N TYR B 303 -8.51 5.11 -23.92
CA TYR B 303 -9.91 4.72 -24.13
C TYR B 303 -10.58 5.51 -25.24
N ASP B 304 -10.40 6.84 -25.21
CA ASP B 304 -11.11 7.77 -26.11
C ASP B 304 -10.39 7.90 -27.46
N ARG B 305 -10.45 6.80 -28.22
CA ARG B 305 -9.70 6.67 -29.47
C ARG B 305 -10.52 5.89 -30.50
N ASP B 306 -10.44 6.32 -31.76
CA ASP B 306 -10.98 5.56 -32.87
C ASP B 306 -9.87 4.60 -33.30
N VAL B 307 -10.06 3.31 -33.07
CA VAL B 307 -8.94 2.37 -33.22
C VAL B 307 -8.94 1.58 -34.53
N GLU B 308 -7.72 1.38 -35.05
CA GLU B 308 -7.49 0.45 -36.17
C GLU B 308 -7.51 -0.95 -35.57
N ILE B 309 -8.39 -1.80 -36.08
CA ILE B 309 -8.55 -3.15 -35.55
C ILE B 309 -7.70 -4.12 -36.36
N PRO B 310 -6.72 -4.79 -35.76
CA PRO B 310 -5.97 -5.73 -36.60
C PRO B 310 -6.89 -6.77 -37.23
N GLU B 311 -6.49 -7.24 -38.41
CA GLU B 311 -7.36 -8.03 -39.27
C GLU B 311 -7.86 -9.31 -38.63
N GLU B 312 -6.94 -10.01 -37.99
CA GLU B 312 -7.23 -11.26 -37.34
C GLU B 312 -8.13 -11.01 -36.16
N THR B 313 -7.92 -9.89 -35.50
CA THR B 313 -8.75 -9.53 -34.38
C THR B 313 -10.18 -9.18 -34.83
N ARG B 314 -10.33 -8.42 -35.92
CA ARG B 314 -11.65 -8.03 -36.42
C ARG B 314 -12.56 -9.25 -36.62
N VAL B 315 -11.97 -10.34 -37.13
CA VAL B 315 -12.71 -11.58 -37.35
C VAL B 315 -13.23 -12.15 -36.04
N TYR B 316 -12.34 -12.22 -35.06
CA TYR B 316 -12.64 -12.78 -33.78
C TYR B 316 -13.66 -11.88 -33.07
N LEU B 317 -13.35 -10.60 -33.04
CA LEU B 317 -14.16 -9.60 -32.39
C LEU B 317 -15.57 -9.51 -32.97
N ASP B 318 -15.72 -9.58 -34.30
CA ASP B 318 -17.05 -9.49 -34.89
C ASP B 318 -17.95 -10.62 -34.38
N ARG B 319 -17.41 -11.82 -34.20
CA ARG B 319 -18.16 -12.89 -33.57
C ARG B 319 -18.53 -12.59 -32.12
N LEU B 320 -17.56 -12.15 -31.32
CA LEU B 320 -17.77 -11.89 -29.89
C LEU B 320 -18.76 -10.76 -29.64
N LYS B 321 -18.70 -9.72 -30.46
CA LYS B 321 -19.55 -8.54 -30.25
C LYS B 321 -21.04 -8.88 -30.42
N ASP B 322 -21.35 -9.95 -31.14
CA ASP B 322 -22.73 -10.42 -31.24
C ASP B 322 -23.22 -11.19 -30.04
N ARG B 323 -22.35 -11.40 -29.05
CA ARG B 323 -22.67 -12.18 -27.84
C ARG B 323 -22.64 -11.36 -26.56
N VAL B 324 -22.29 -10.08 -26.64
CA VAL B 324 -22.13 -9.26 -25.46
C VAL B 324 -22.49 -7.82 -25.78
N THR B 325 -23.13 -7.13 -24.83
CA THR B 325 -23.28 -5.68 -24.88
C THR B 325 -22.06 -4.98 -24.33
N LEU B 326 -21.54 -4.01 -25.07
CA LEU B 326 -20.42 -3.20 -24.60
C LEU B 326 -20.98 -2.01 -23.82
N VAL B 327 -20.38 -1.74 -22.65
CA VAL B 327 -20.74 -0.59 -21.86
C VAL B 327 -19.64 0.48 -21.96
N TYR B 328 -19.99 1.59 -22.60
CA TYR B 328 -19.14 2.80 -22.65
C TYR B 328 -19.39 3.55 -21.34
N TRP B 329 -18.35 3.62 -20.50
CA TRP B 329 -18.41 4.29 -19.21
C TRP B 329 -17.61 5.57 -19.22
N ASP B 330 -18.23 6.65 -18.75
CA ASP B 330 -17.59 7.95 -18.72
C ASP B 330 -18.31 8.83 -17.71
N TYR B 331 -17.54 9.28 -16.71
CA TYR B 331 -18.04 10.05 -15.60
C TYR B 331 -17.57 11.53 -15.59
N TYR B 332 -16.82 11.94 -16.61
CA TYR B 332 -15.95 13.11 -16.47
C TYR B 332 -16.24 14.31 -17.42
N GLN B 333 -16.99 14.13 -18.50
CA GLN B 333 -17.03 15.14 -19.56
C GLN B 333 -18.13 16.16 -19.34
N ASP B 334 -17.80 17.42 -19.58
CA ASP B 334 -18.72 18.53 -19.44
C ASP B 334 -19.43 18.95 -20.73
N SER B 335 -19.29 18.17 -21.80
CA SER B 335 -19.93 18.47 -23.07
C SER B 335 -20.42 17.22 -23.78
N GLU B 336 -21.60 17.38 -24.34
CA GLU B 336 -22.20 16.38 -25.19
C GLU B 336 -21.23 15.86 -26.25
N GLU B 337 -20.49 16.79 -26.83
CA GLU B 337 -19.67 16.54 -27.98
C GLU B 337 -18.65 15.47 -27.70
N LYS B 338 -18.06 15.50 -26.51
CA LYS B 338 -17.00 14.53 -26.16
C LYS B 338 -17.58 13.11 -26.04
N TYR B 339 -18.73 12.98 -25.37
CA TYR B 339 -19.46 11.70 -25.31
C TYR B 339 -19.80 11.21 -26.71
N ASN B 340 -20.28 12.12 -27.57
CA ASN B 340 -20.66 11.75 -28.91
C ASN B 340 -19.48 11.18 -29.71
N ARG B 341 -18.29 11.79 -29.52
CA ARG B 341 -17.09 11.29 -30.20
C ARG B 341 -16.82 9.85 -29.78
N ASN B 342 -16.90 9.59 -28.48
CA ASN B 342 -16.67 8.23 -28.00
C ASN B 342 -17.79 7.26 -28.45
N PHE B 343 -19.01 7.75 -28.59
CA PHE B 343 -20.07 6.87 -29.09
C PHE B 343 -19.79 6.47 -30.53
N ARG B 344 -19.38 7.46 -31.31
CA ARG B 344 -18.97 7.25 -32.68
C ARG B 344 -17.83 6.22 -32.73
N ASN B 345 -16.83 6.36 -31.88
CA ASN B 345 -15.74 5.36 -31.82
C ASN B 345 -16.28 3.96 -31.58
N HIS B 346 -17.23 3.87 -30.66
CA HIS B 346 -17.81 2.58 -30.26
C HIS B 346 -18.62 1.96 -31.39
N HIS B 347 -19.36 2.81 -32.10
CA HIS B 347 -20.21 2.38 -33.20
C HIS B 347 -19.47 1.80 -34.38
N LYS B 348 -18.16 2.03 -34.46
CA LYS B 348 -17.37 1.36 -35.48
C LYS B 348 -17.00 -0.06 -35.11
N ILE B 349 -17.31 -0.46 -33.88
CA ILE B 349 -17.11 -1.82 -33.41
C ILE B 349 -18.46 -2.52 -33.21
N SER B 350 -19.40 -1.86 -32.55
CA SER B 350 -20.70 -2.47 -32.26
C SER B 350 -21.80 -1.43 -32.03
N HIS B 351 -23.02 -1.84 -32.35
CA HIS B 351 -24.17 -1.02 -32.09
C HIS B 351 -24.92 -1.55 -30.87
N ASP B 352 -24.45 -2.66 -30.27
CA ASP B 352 -25.01 -3.18 -29.04
C ASP B 352 -24.26 -2.57 -27.85
N LEU B 353 -24.69 -1.36 -27.49
CA LEU B 353 -24.04 -0.56 -26.46
C LEU B 353 -24.98 -0.13 -25.35
N ALA B 354 -24.43 0.03 -24.15
CA ALA B 354 -25.08 0.76 -23.08
C ALA B 354 -24.09 1.84 -22.61
N PHE B 355 -24.59 2.75 -21.79
CA PHE B 355 -23.77 3.82 -21.26
C PHE B 355 -23.77 3.74 -19.76
N ALA B 356 -22.63 4.03 -19.13
CA ALA B 356 -22.51 4.14 -17.68
C ALA B 356 -22.10 5.53 -17.29
N GLY B 357 -22.91 6.17 -16.44
CA GLY B 357 -22.60 7.49 -15.92
C GLY B 357 -22.19 7.32 -14.47
N GLY B 358 -21.96 8.43 -13.79
CA GLY B 358 -21.39 8.43 -12.47
C GLY B 358 -22.13 9.27 -11.45
N ALA B 359 -22.53 8.64 -10.37
CA ALA B 359 -22.89 9.32 -9.13
C ALA B 359 -21.63 9.39 -8.26
N TRP B 360 -21.03 10.58 -8.22
CA TRP B 360 -19.68 10.79 -7.65
C TRP B 360 -19.65 10.63 -6.15
N LYS B 361 -19.25 9.44 -5.74
CA LYS B 361 -19.09 9.13 -4.31
C LYS B 361 -17.82 8.31 -4.05
N TRP B 362 -16.80 8.51 -4.88
CA TRP B 362 -15.55 7.78 -4.79
C TRP B 362 -14.31 8.64 -4.52
N ILE B 363 -14.52 9.84 -3.95
CA ILE B 363 -13.41 10.78 -3.72
C ILE B 363 -13.20 11.13 -2.24
N GLY B 364 -13.46 10.16 -1.37
CA GLY B 364 -13.08 10.27 0.03
C GLY B 364 -14.27 10.07 0.92
N PHE B 365 -14.59 11.08 1.72
CA PHE B 365 -15.71 11.04 2.66
C PHE B 365 -16.95 11.72 2.16
N THR B 366 -16.79 12.53 1.11
CA THR B 366 -17.80 13.51 0.70
C THR B 366 -18.07 13.35 -0.78
N PRO B 367 -19.36 13.29 -1.18
CA PRO B 367 -19.72 13.09 -2.57
C PRO B 367 -19.56 14.38 -3.39
N HIS B 368 -19.84 14.26 -4.68
CA HIS B 368 -19.98 15.42 -5.53
C HIS B 368 -21.22 15.30 -6.40
N ASN B 369 -22.38 15.45 -5.75
CA ASN B 369 -23.68 15.52 -6.44
C ASN B 369 -23.72 16.71 -7.43
N HIS B 370 -23.07 17.81 -7.09
CA HIS B 370 -23.04 18.99 -7.95
C HIS B 370 -22.36 18.68 -9.29
N PHE B 371 -21.22 18.03 -9.23
CA PHE B 371 -20.49 17.70 -10.45
C PHE B 371 -21.20 16.58 -11.20
N SER B 372 -21.80 15.65 -10.46
CA SER B 372 -22.65 14.63 -11.06
C SER B 372 -23.77 15.24 -11.89
N ARG B 373 -24.41 16.28 -11.35
CA ARG B 373 -25.47 16.97 -12.07
C ARG B 373 -24.95 17.51 -13.39
N LEU B 374 -23.85 18.24 -13.31
CA LEU B 374 -23.25 18.89 -14.47
C LEU B 374 -23.03 17.90 -15.62
N VAL B 375 -22.36 16.79 -15.33
CA VAL B 375 -22.08 15.83 -16.39
C VAL B 375 -23.31 15.05 -16.84
N ALA B 376 -24.22 14.73 -15.93
CA ALA B 376 -25.44 14.00 -16.32
C ALA B 376 -26.20 14.74 -17.42
N ILE B 377 -26.35 16.05 -17.26
CA ILE B 377 -27.10 16.86 -18.24
C ILE B 377 -26.51 16.65 -19.63
N GLU B 378 -25.18 16.66 -19.72
CA GLU B 378 -24.54 16.56 -21.02
C GLU B 378 -24.55 15.11 -21.49
N ALA B 379 -24.36 14.18 -20.56
CA ALA B 379 -24.34 12.78 -20.94
C ALA B 379 -25.72 12.35 -21.45
N ASN B 380 -26.78 12.84 -20.80
CA ASN B 380 -28.14 12.52 -21.23
C ASN B 380 -28.39 12.94 -22.68
N LYS B 381 -27.95 14.16 -23.05
CA LYS B 381 -28.02 14.61 -24.44
C LYS B 381 -27.36 13.63 -25.41
N ALA B 382 -26.17 13.18 -25.06
CA ALA B 382 -25.39 12.28 -25.94
C ALA B 382 -26.02 10.89 -26.06
N CYS B 383 -26.53 10.35 -24.96
CA CYS B 383 -27.17 9.04 -25.00
C CYS B 383 -28.44 9.09 -25.88
N ARG B 384 -29.23 10.14 -25.72
CA ARG B 384 -30.43 10.35 -26.50
C ARG B 384 -30.12 10.49 -27.94
N ALA B 385 -29.06 11.21 -28.27
CA ALA B 385 -28.64 11.38 -29.65
C ALA B 385 -28.06 10.10 -30.26
N ASN B 386 -27.65 9.14 -29.45
CA ASN B 386 -27.08 7.92 -30.01
C ASN B 386 -27.96 6.70 -29.79
N GLN B 387 -29.25 6.96 -29.50
CA GLN B 387 -30.28 5.91 -29.41
C GLN B 387 -29.98 4.89 -28.29
N ILE B 388 -29.26 5.29 -27.24
CA ILE B 388 -28.88 4.36 -26.18
C ILE B 388 -30.14 3.92 -25.45
N LYS B 389 -30.30 2.63 -25.18
CA LYS B 389 -31.51 2.11 -24.54
C LYS B 389 -31.35 1.96 -23.01
N GLU B 390 -30.13 1.71 -22.53
CA GLU B 390 -29.86 1.54 -21.10
C GLU B 390 -28.74 2.46 -20.58
N VAL B 391 -29.02 3.13 -19.46
CA VAL B 391 -28.03 3.91 -18.73
C VAL B 391 -27.81 3.26 -17.37
N ILE B 392 -26.56 2.98 -17.05
CA ILE B 392 -26.19 2.53 -15.71
C ILE B 392 -25.50 3.68 -14.99
N VAL B 393 -26.10 4.11 -13.88
CA VAL B 393 -25.50 5.09 -13.00
C VAL B 393 -24.61 4.36 -11.99
N THR B 394 -23.32 4.70 -11.95
CA THR B 394 -22.35 3.97 -11.13
C THR B 394 -22.02 4.73 -9.85
N GLY B 395 -21.91 4.00 -8.75
CA GLY B 395 -21.61 4.59 -7.43
C GLY B 395 -20.33 3.99 -6.87
N TRP B 396 -19.22 4.24 -7.54
CA TRP B 396 -17.94 3.69 -7.13
C TRP B 396 -17.52 4.20 -5.74
N GLY B 397 -16.66 3.43 -5.09
CA GLY B 397 -16.15 3.76 -3.74
C GLY B 397 -14.63 3.74 -3.56
N ASP B 398 -13.91 4.11 -4.62
CA ASP B 398 -12.43 4.04 -4.67
C ASP B 398 -11.65 4.16 -3.36
N ASN B 399 -10.77 3.19 -3.11
CA ASN B 399 -9.72 3.30 -2.08
C ASN B 399 -10.28 3.31 -0.65
N GLY B 400 -11.21 2.42 -0.36
CA GLY B 400 -11.67 2.22 1.01
C GLY B 400 -13.13 2.47 1.29
N GLY B 401 -13.88 3.02 0.33
CA GLY B 401 -15.33 3.10 0.47
C GLY B 401 -15.80 4.08 1.53
N GLU B 402 -15.10 5.20 1.70
CA GLU B 402 -15.33 6.08 2.85
C GLU B 402 -16.48 7.11 2.66
N THR B 403 -17.12 7.13 1.48
CA THR B 403 -18.27 8.00 1.31
C THR B 403 -19.54 7.19 1.58
N ALA B 404 -20.53 7.81 2.22
CA ALA B 404 -21.78 7.16 2.53
C ALA B 404 -22.56 6.69 1.30
N GLN B 405 -23.22 5.55 1.47
CA GLN B 405 -23.96 4.91 0.39
C GLN B 405 -25.15 5.75 -0.01
N PHE B 406 -25.75 6.47 0.92
CA PHE B 406 -26.93 7.28 0.58
C PHE B 406 -26.62 8.74 0.32
N SER B 407 -25.32 9.05 0.22
CA SER B 407 -24.87 10.42 -0.03
C SER B 407 -25.22 10.94 -1.41
N ILE B 408 -25.50 10.04 -2.33
CA ILE B 408 -25.69 10.40 -3.73
C ILE B 408 -27.14 10.39 -4.23
N LEU B 409 -28.11 10.32 -3.31
CA LEU B 409 -29.50 10.31 -3.74
C LEU B 409 -29.87 11.41 -4.73
N PRO B 410 -29.36 12.65 -4.55
CA PRO B 410 -29.67 13.69 -5.54
C PRO B 410 -29.25 13.35 -6.96
N SER B 411 -28.05 12.76 -7.09
CA SER B 411 -27.53 12.31 -8.38
C SER B 411 -28.42 11.24 -8.97
N LEU B 412 -28.96 10.39 -8.13
CA LEU B 412 -29.90 9.37 -8.58
C LEU B 412 -31.20 10.01 -9.09
N GLN B 413 -31.76 10.95 -8.33
CA GLN B 413 -32.99 11.64 -8.77
C GLN B 413 -32.76 12.39 -10.06
N ILE B 414 -31.57 12.95 -10.20
CA ILE B 414 -31.19 13.71 -11.39
C ILE B 414 -31.28 12.87 -12.65
N TRP B 415 -30.69 11.69 -12.62
CA TRP B 415 -30.75 10.82 -13.80
C TRP B 415 -32.16 10.33 -14.08
N ALA B 416 -32.95 10.07 -13.04
CA ALA B 416 -34.34 9.66 -13.23
C ALA B 416 -35.13 10.76 -13.94
N GLU B 417 -34.94 12.02 -13.51
CA GLU B 417 -35.64 13.14 -14.12
C GLU B 417 -35.24 13.32 -15.57
N LEU B 418 -33.95 13.16 -15.84
CA LEU B 418 -33.45 13.29 -17.20
C LEU B 418 -34.03 12.20 -18.12
N SER B 419 -34.11 10.98 -17.64
CA SER B 419 -34.78 9.94 -18.42
C SER B 419 -36.28 10.23 -18.67
N TYR B 420 -37.02 10.52 -17.60
CA TYR B 420 -38.48 10.59 -17.67
C TYR B 420 -39.04 11.90 -18.17
N ARG B 421 -38.34 13.00 -17.91
CA ARG B 421 -38.82 14.32 -18.30
C ARG B 421 -37.87 15.08 -19.24
N ASN B 422 -36.62 14.64 -19.33
CA ASN B 422 -35.58 15.36 -20.08
C ASN B 422 -35.25 16.74 -19.51
N ASP B 423 -35.59 16.97 -18.24
CA ASP B 423 -35.24 18.20 -17.57
C ASP B 423 -35.29 17.99 -16.06
N LEU B 424 -34.84 18.97 -15.32
CA LEU B 424 -34.79 18.94 -13.86
C LEU B 424 -35.82 19.88 -13.19
N ASP B 425 -36.82 20.31 -13.95
CA ASP B 425 -37.85 21.21 -13.43
C ASP B 425 -38.60 20.57 -12.28
N GLY B 426 -38.74 19.24 -12.30
CA GLY B 426 -39.39 18.52 -11.21
C GLY B 426 -38.45 17.99 -10.12
N LEU B 427 -37.16 18.25 -10.26
CA LEU B 427 -36.14 17.58 -9.43
C LEU B 427 -36.34 17.81 -7.94
N SER B 428 -36.40 19.06 -7.53
CA SER B 428 -36.43 19.33 -6.11
C SER B 428 -37.72 18.82 -5.47
N ALA B 429 -38.85 19.03 -6.14
CA ALA B 429 -40.14 18.68 -5.59
C ALA B 429 -40.29 17.17 -5.45
N HIS B 430 -39.88 16.41 -6.46
CA HIS B 430 -39.95 14.97 -6.38
C HIS B 430 -38.97 14.46 -5.33
N PHE B 431 -37.83 15.11 -5.23
CA PHE B 431 -36.83 14.72 -4.24
C PHE B 431 -37.36 14.87 -2.82
N LYS B 432 -38.02 15.99 -2.57
CA LYS B 432 -38.55 16.22 -1.24
C LYS B 432 -39.69 15.27 -0.89
N THR B 433 -40.58 15.01 -1.84
CA THR B 433 -41.59 13.94 -1.65
C THR B 433 -40.92 12.64 -1.24
N ASN B 434 -39.79 12.34 -1.88
CA ASN B 434 -39.15 11.06 -1.69
C ASN B 434 -38.31 10.93 -0.43
N THR B 435 -37.72 12.03 0.02
CA THR B 435 -36.77 11.97 1.10
C THR B 435 -37.12 12.83 2.32
N GLY B 436 -37.97 13.85 2.11
CA GLY B 436 -38.28 14.82 3.15
C GLY B 436 -37.42 16.08 3.11
N LEU B 437 -36.40 16.08 2.25
CA LEU B 437 -35.50 17.21 2.08
C LEU B 437 -35.61 17.77 0.65
N THR B 438 -35.51 19.08 0.49
CA THR B 438 -35.36 19.67 -0.84
C THR B 438 -34.04 19.16 -1.40
N VAL B 439 -33.90 19.13 -2.73
CA VAL B 439 -32.66 18.62 -3.29
C VAL B 439 -31.49 19.57 -3.01
N GLU B 440 -31.79 20.87 -2.87
CA GLU B 440 -30.79 21.86 -2.54
C GLU B 440 -30.20 21.63 -1.13
N ASP B 441 -31.05 21.41 -0.14
CA ASP B 441 -30.57 21.08 1.22
C ASP B 441 -29.79 19.77 1.18
N PHE B 442 -30.34 18.74 0.55
CA PHE B 442 -29.60 17.45 0.54
C PHE B 442 -28.20 17.61 -0.10
N MET B 443 -28.11 18.35 -1.19
CA MET B 443 -26.84 18.53 -1.90
C MET B 443 -25.78 19.37 -1.17
N GLN B 444 -26.16 20.03 -0.07
CA GLN B 444 -25.18 20.64 0.82
C GLN B 444 -24.25 19.55 1.37
N ILE B 445 -24.66 18.30 1.29
CA ILE B 445 -23.81 17.20 1.71
C ILE B 445 -22.41 17.30 1.05
N ASP B 446 -22.34 17.91 -0.13
CA ASP B 446 -21.13 18.06 -0.93
C ASP B 446 -20.12 19.07 -0.39
N LEU B 447 -20.47 19.79 0.66
CA LEU B 447 -19.80 21.06 0.95
C LEU B 447 -18.29 21.02 1.15
N ALA B 448 -17.79 19.95 1.78
CA ALA B 448 -16.37 19.82 2.07
C ALA B 448 -15.54 19.79 0.78
N ASN B 449 -16.18 19.51 -0.36
CA ASN B 449 -15.53 19.62 -1.68
C ASN B 449 -15.70 20.98 -2.38
N LEU B 450 -16.71 21.75 -2.00
CA LEU B 450 -17.13 22.92 -2.78
C LEU B 450 -16.36 24.18 -2.45
N LEU B 451 -15.03 24.15 -2.64
CA LEU B 451 -14.25 25.35 -2.34
C LEU B 451 -14.70 26.46 -3.29
N PRO B 452 -14.86 27.70 -2.80
CA PRO B 452 -15.51 28.75 -3.60
C PRO B 452 -14.80 29.20 -4.87
N ASP B 453 -13.49 29.03 -4.98
CA ASP B 453 -12.83 29.43 -6.21
C ASP B 453 -12.65 28.32 -7.26
N LEU B 454 -13.34 27.18 -7.13
CA LEU B 454 -13.24 26.11 -8.13
C LEU B 454 -14.24 26.39 -9.24
N PRO B 455 -13.89 26.15 -10.49
CA PRO B 455 -14.97 26.22 -11.47
C PRO B 455 -15.86 25.00 -11.25
N GLY B 456 -17.03 24.93 -11.82
CA GLY B 456 -17.86 23.74 -11.52
C GLY B 456 -17.51 22.49 -12.31
N ASN B 457 -16.61 22.60 -13.31
CA ASN B 457 -16.57 21.62 -14.38
C ASN B 457 -15.31 20.75 -14.40
N LEU B 458 -14.54 20.78 -13.31
CA LEU B 458 -13.31 20.00 -13.19
C LEU B 458 -13.48 18.95 -12.11
N SER B 459 -13.21 17.72 -12.49
CA SER B 459 -13.51 16.56 -11.66
C SER B 459 -12.44 16.24 -10.63
N GLY B 460 -12.85 15.55 -9.57
CA GLY B 460 -11.91 14.89 -8.65
C GLY B 460 -11.32 15.76 -7.57
N ILE B 461 -11.72 17.02 -7.52
CA ILE B 461 -11.07 17.95 -6.59
C ILE B 461 -11.68 17.69 -5.22
N ASN B 462 -10.89 17.12 -4.34
CA ASN B 462 -11.42 16.48 -3.15
C ASN B 462 -10.72 16.87 -1.84
N PRO B 463 -10.69 18.17 -1.53
CA PRO B 463 -10.12 18.58 -0.25
C PRO B 463 -10.76 17.93 0.97
N ASN B 464 -12.00 17.45 0.86
CA ASN B 464 -12.62 16.69 1.96
C ASN B 464 -11.68 15.64 2.53
N ARG B 465 -10.98 14.97 1.63
CA ARG B 465 -10.21 13.82 1.99
C ARG B 465 -8.79 14.16 2.33
N TYR B 466 -8.12 14.89 1.43
CA TYR B 466 -6.71 15.17 1.63
C TYR B 466 -6.41 16.19 2.72
N VAL B 467 -7.33 17.11 2.99
CA VAL B 467 -7.14 17.98 4.15
C VAL B 467 -7.24 17.14 5.41
N PHE B 468 -8.11 16.13 5.40
CA PHE B 468 -8.32 15.34 6.58
C PHE B 468 -7.11 14.44 6.88
N TYR B 469 -6.73 13.64 5.91
CA TYR B 469 -5.68 12.65 6.13
C TYR B 469 -4.23 13.16 6.07
N GLN B 470 -4.02 14.41 5.65
CA GLN B 470 -2.70 15.01 5.62
C GLN B 470 -2.03 14.96 6.98
N ASP B 471 -0.71 14.78 6.98
CA ASP B 471 0.09 14.83 8.19
C ASP B 471 0.11 16.23 8.79
N ILE B 472 0.51 16.35 10.05
CA ILE B 472 0.68 17.67 10.67
C ILE B 472 2.09 18.26 10.47
N LEU B 473 3.12 17.52 10.88
CA LEU B 473 4.52 17.96 10.80
C LEU B 473 5.06 18.04 9.39
N CYS B 474 4.56 17.15 8.51
CA CYS B 474 5.02 17.08 7.15
C CYS B 474 3.82 17.21 6.21
N PRO B 475 3.24 18.43 6.10
CA PRO B 475 1.98 18.60 5.37
C PRO B 475 2.19 18.77 3.87
N ILE B 476 2.31 17.63 3.20
CA ILE B 476 2.74 17.60 1.79
C ILE B 476 1.69 18.11 0.80
N LEU B 477 0.48 18.45 1.28
CA LEU B 477 -0.54 19.08 0.44
C LEU B 477 -0.72 20.55 0.79
N ASP B 478 0.16 21.11 1.61
CA ASP B 478 -0.02 22.49 2.11
C ASP B 478 -0.11 23.57 1.05
N GLN B 479 0.58 23.37 -0.07
CA GLN B 479 0.51 24.32 -1.17
C GLN B 479 -0.87 24.40 -1.81
N HIS B 480 -1.72 23.40 -1.59
CA HIS B 480 -3.04 23.35 -2.20
C HIS B 480 -4.12 23.96 -1.33
N MET B 481 -3.69 24.51 -0.19
CA MET B 481 -4.60 25.11 0.78
C MET B 481 -4.63 26.62 0.63
N THR B 482 -5.81 27.19 0.83
CA THR B 482 -6.00 28.63 0.72
C THR B 482 -6.75 29.07 1.98
N PRO B 483 -6.03 29.20 3.11
CA PRO B 483 -6.68 29.36 4.41
C PRO B 483 -7.71 30.50 4.51
N GLU B 484 -7.38 31.67 3.97
CA GLU B 484 -8.29 32.80 4.08
C GLU B 484 -9.65 32.50 3.44
N GLN B 485 -9.64 31.63 2.44
CA GLN B 485 -10.87 31.18 1.81
C GLN B 485 -11.41 29.92 2.49
N ASP B 486 -10.54 28.94 2.68
CA ASP B 486 -11.01 27.59 2.99
C ASP B 486 -11.50 27.49 4.42
N LYS B 487 -10.83 28.22 5.32
CA LYS B 487 -11.19 28.21 6.72
C LYS B 487 -12.64 28.66 6.98
N PRO B 488 -13.03 29.86 6.52
CA PRO B 488 -14.45 30.20 6.71
C PRO B 488 -15.41 29.33 5.86
N HIS B 489 -14.95 28.86 4.70
CA HIS B 489 -15.81 27.94 3.96
C HIS B 489 -16.19 26.72 4.79
N PHE B 490 -15.19 26.08 5.39
CA PHE B 490 -15.43 24.86 6.14
C PHE B 490 -16.25 25.13 7.41
N ALA B 491 -15.89 26.18 8.14
CA ALA B 491 -16.62 26.55 9.38
C ALA B 491 -18.09 26.85 9.06
N GLN B 492 -18.34 27.62 8.02
CA GLN B 492 -19.72 27.90 7.64
C GLN B 492 -20.43 26.62 7.21
N ALA B 493 -19.76 25.77 6.42
CA ALA B 493 -20.36 24.48 6.00
C ALA B 493 -20.84 23.68 7.20
N ALA B 494 -20.04 23.67 8.28
CA ALA B 494 -20.36 22.85 9.46
C ALA B 494 -21.69 23.29 10.12
N GLU B 495 -21.89 24.60 10.20
CA GLU B 495 -23.16 25.18 10.69
C GLU B 495 -24.33 24.85 9.77
N THR B 496 -24.12 25.06 8.47
CA THR B 496 -25.17 24.82 7.48
C THR B 496 -25.62 23.36 7.61
N LEU B 497 -24.65 22.45 7.67
CA LEU B 497 -24.94 21.03 7.70
C LEU B 497 -25.60 20.60 9.00
N ALA B 498 -25.27 21.27 10.11
CA ALA B 498 -25.90 20.98 11.40
C ALA B 498 -27.39 21.37 11.37
N ASN B 499 -27.71 22.44 10.66
CA ASN B 499 -29.10 22.84 10.49
C ASN B 499 -29.89 21.87 9.63
N ILE B 500 -29.32 21.50 8.48
CA ILE B 500 -29.96 20.48 7.64
C ILE B 500 -30.16 19.15 8.38
N LYS B 501 -29.18 18.77 9.21
CA LYS B 501 -29.25 17.55 9.97
C LYS B 501 -30.55 17.53 10.75
N GLU B 502 -30.88 18.64 11.39
CA GLU B 502 -32.07 18.75 12.25
C GLU B 502 -33.38 18.59 11.50
N LYS B 503 -33.39 18.73 10.18
CA LYS B 503 -34.60 18.47 9.41
C LYS B 503 -34.52 17.26 8.50
N ALA B 504 -33.52 16.40 8.69
CA ALA B 504 -33.19 15.34 7.73
C ALA B 504 -33.82 14.02 8.07
N GLY B 505 -34.52 13.95 9.20
CA GLY B 505 -35.16 12.72 9.63
C GLY B 505 -34.19 11.56 9.65
N ASN B 506 -34.52 10.50 8.93
CA ASN B 506 -33.67 9.30 8.90
C ASN B 506 -32.37 9.42 8.11
N TYR B 507 -32.19 10.53 7.43
CA TYR B 507 -30.94 10.81 6.72
C TYR B 507 -30.01 11.71 7.55
N ALA B 508 -30.43 12.09 8.75
CA ALA B 508 -29.65 12.99 9.59
C ALA B 508 -28.21 12.53 9.76
N TYR B 509 -28.01 11.24 9.97
CA TYR B 509 -26.65 10.71 10.13
C TYR B 509 -25.66 11.21 9.06
N LEU B 510 -26.15 11.40 7.83
CA LEU B 510 -25.29 11.76 6.70
C LEU B 510 -24.76 13.17 6.89
N PHE B 511 -25.62 14.04 7.39
CA PHE B 511 -25.27 15.43 7.57
C PHE B 511 -24.50 15.64 8.83
N GLU B 512 -24.82 14.87 9.86
CA GLU B 512 -24.04 14.90 11.11
C GLU B 512 -22.59 14.55 10.87
N THR B 513 -22.37 13.48 10.13
CA THR B 513 -21.02 13.11 9.73
C THR B 513 -20.32 14.28 9.01
N GLN B 514 -20.98 14.83 7.99
CA GLN B 514 -20.35 15.89 7.20
C GLN B 514 -20.11 17.17 8.01
N ALA B 515 -21.01 17.49 8.94
CA ALA B 515 -20.83 18.69 9.78
C ALA B 515 -19.55 18.60 10.58
N GLN B 516 -19.33 17.44 11.20
CA GLN B 516 -18.15 17.25 12.03
C GLN B 516 -16.89 17.27 11.16
N LEU B 517 -16.96 16.69 9.98
CA LEU B 517 -15.81 16.76 9.06
C LEU B 517 -15.42 18.22 8.70
N ASN B 518 -16.40 19.02 8.29
CA ASN B 518 -16.12 20.42 7.97
C ASN B 518 -15.58 21.18 9.19
N ALA B 519 -16.08 20.90 10.39
CA ALA B 519 -15.56 21.55 11.61
C ALA B 519 -14.09 21.24 11.81
N ILE B 520 -13.71 19.98 11.64
CA ILE B 520 -12.32 19.55 11.65
C ILE B 520 -11.49 20.27 10.59
N LEU B 521 -11.96 20.28 9.35
CA LEU B 521 -11.21 20.90 8.26
C LEU B 521 -10.96 22.41 8.42
N SER B 522 -11.92 23.14 9.00
CA SER B 522 -11.70 24.58 9.15
C SER B 522 -10.42 24.94 9.93
N SER B 523 -10.04 24.15 10.94
CA SER B 523 -8.78 24.38 11.63
C SER B 523 -7.62 23.57 11.04
N LYS B 524 -7.89 22.32 10.62
CA LYS B 524 -6.82 21.45 10.16
C LYS B 524 -6.23 21.90 8.84
N VAL B 525 -7.01 22.58 8.00
CA VAL B 525 -6.54 23.10 6.72
C VAL B 525 -5.21 23.87 6.78
N ASP B 526 -4.93 24.55 7.88
CA ASP B 526 -3.65 25.27 8.01
C ASP B 526 -2.90 25.10 9.32
N VAL B 527 -3.30 24.15 10.15
CA VAL B 527 -2.57 23.95 11.38
C VAL B 527 -1.07 23.63 11.12
N GLY B 528 -0.78 22.87 10.06
CA GLY B 528 0.61 22.57 9.70
C GLY B 528 1.39 23.80 9.28
N ARG B 529 0.73 24.67 8.54
CA ARG B 529 1.33 25.91 8.10
C ARG B 529 1.58 26.85 9.29
N ARG B 530 0.59 27.00 10.17
CA ARG B 530 0.74 27.85 11.36
C ARG B 530 1.86 27.32 12.30
N ILE B 531 1.99 26.00 12.40
CA ILE B 531 3.11 25.44 13.14
C ILE B 531 4.43 25.88 12.51
N ARG B 532 4.51 25.79 11.19
CA ARG B 532 5.73 26.18 10.49
C ARG B 532 6.01 27.66 10.65
N GLN B 533 4.97 28.49 10.51
CA GLN B 533 5.11 29.96 10.68
C GLN B 533 5.58 30.32 12.09
N ALA B 534 4.95 29.76 13.12
CA ALA B 534 5.39 30.02 14.49
C ALA B 534 6.81 29.54 14.73
N TYR B 535 7.15 28.37 14.18
CA TYR B 535 8.52 27.83 14.30
C TYR B 535 9.56 28.78 13.72
N GLN B 536 9.36 29.21 12.48
CA GLN B 536 10.28 30.14 11.83
C GLN B 536 10.32 31.53 12.54
N ALA B 537 9.19 32.02 13.03
CA ALA B 537 9.15 33.32 13.71
C ALA B 537 9.68 33.23 15.14
N ASP B 538 9.95 32.01 15.60
CA ASP B 538 10.33 31.74 17.00
C ASP B 538 9.26 32.20 17.99
N ASP B 539 8.00 31.97 17.64
CA ASP B 539 6.85 32.31 18.49
C ASP B 539 6.57 31.09 19.33
N LYS B 540 7.28 30.99 20.45
CA LYS B 540 7.20 29.79 21.25
C LYS B 540 5.87 29.70 22.01
N GLU B 541 5.25 30.83 22.30
CA GLU B 541 3.87 30.84 22.80
C GLU B 541 2.86 30.20 21.86
N SER B 542 2.88 30.50 20.56
CA SER B 542 1.93 29.84 19.67
C SER B 542 2.25 28.36 19.56
N LEU B 543 3.53 27.99 19.55
CA LEU B 543 3.91 26.55 19.54
C LEU B 543 3.38 25.79 20.74
N GLN B 544 3.48 26.41 21.91
CA GLN B 544 2.90 25.84 23.11
C GLN B 544 1.41 25.64 22.97
N GLN B 545 0.71 26.70 22.60
CA GLN B 545 -0.72 26.66 22.45
C GLN B 545 -1.13 25.56 21.46
N ILE B 546 -0.43 25.47 20.35
CA ILE B 546 -0.78 24.49 19.34
C ILE B 546 -0.53 23.08 19.92
N ALA B 547 0.62 22.89 20.53
CA ALA B 547 0.95 21.60 21.09
C ALA B 547 0.00 21.15 22.18
N ARG B 548 -0.44 22.10 23.01
CA ARG B 548 -1.11 21.75 24.26
C ARG B 548 -2.60 21.97 24.26
N GLN B 549 -3.12 22.88 23.42
CA GLN B 549 -4.56 23.09 23.31
C GLN B 549 -5.08 22.62 21.96
N GLU B 550 -4.57 23.19 20.86
CA GLU B 550 -5.18 22.93 19.54
C GLU B 550 -5.11 21.44 19.12
N LEU B 551 -3.93 20.84 19.20
CA LEU B 551 -3.79 19.47 18.66
C LEU B 551 -4.51 18.41 19.51
N PRO B 552 -4.52 18.55 20.84
CA PRO B 552 -5.33 17.60 21.61
C PRO B 552 -6.82 17.75 21.30
N GLU B 553 -7.26 18.98 21.06
CA GLU B 553 -8.65 19.20 20.70
C GLU B 553 -8.93 18.62 19.32
N LEU B 554 -8.00 18.84 18.38
CA LEU B 554 -8.10 18.23 17.06
C LEU B 554 -8.25 16.72 17.17
N ARG B 555 -7.45 16.05 18.00
CA ARG B 555 -7.56 14.59 18.20
C ARG B 555 -8.94 14.21 18.76
N SER B 556 -9.41 15.01 19.73
CA SER B 556 -10.74 14.82 20.27
C SER B 556 -11.79 14.94 19.15
N GLN B 557 -11.66 15.94 18.29
CA GLN B 557 -12.65 16.12 17.25
C GLN B 557 -12.66 14.98 16.24
N ILE B 558 -11.47 14.49 15.93
CA ILE B 558 -11.32 13.40 14.96
C ILE B 558 -11.89 12.10 15.54
N GLU B 559 -11.67 11.86 16.83
CA GLU B 559 -12.32 10.73 17.51
C GLU B 559 -13.84 10.81 17.42
N ASP B 560 -14.41 12.02 17.57
CA ASP B 560 -15.85 12.20 17.40
C ASP B 560 -16.23 11.89 15.98
N PHE B 561 -15.40 12.34 15.03
CA PHE B 561 -15.70 12.05 13.64
C PHE B 561 -15.68 10.55 13.37
N HIS B 562 -14.68 9.88 13.96
CA HIS B 562 -14.52 8.44 13.83
C HIS B 562 -15.78 7.73 14.36
N ALA B 563 -16.29 8.22 15.49
CA ALA B 563 -17.50 7.69 16.08
C ALA B 563 -18.68 7.87 15.14
N LEU B 564 -18.89 9.10 14.66
CA LEU B 564 -19.98 9.36 13.69
C LEU B 564 -19.86 8.54 12.41
N PHE B 565 -18.65 8.50 11.86
CA PHE B 565 -18.35 7.70 10.66
C PHE B 565 -18.69 6.24 10.88
N SER B 566 -18.29 5.72 12.03
CA SER B 566 -18.50 4.31 12.33
C SER B 566 -20.00 4.02 12.39
N HIS B 567 -20.77 4.92 13.00
CA HIS B 567 -22.23 4.75 13.10
C HIS B 567 -22.85 4.75 11.68
N GLN B 568 -22.43 5.70 10.85
CA GLN B 568 -22.85 5.75 9.47
C GLN B 568 -22.47 4.45 8.72
N TRP B 569 -21.23 4.01 8.87
CA TRP B 569 -20.78 2.80 8.20
C TRP B 569 -21.60 1.59 8.62
N LEU B 570 -21.78 1.40 9.92
CA LEU B 570 -22.47 0.23 10.42
C LEU B 570 -23.97 0.27 10.08
N LYS B 571 -24.54 1.46 9.96
CA LYS B 571 -25.92 1.59 9.49
C LYS B 571 -26.04 1.08 8.03
N GLU B 572 -25.08 1.43 7.20
CA GLU B 572 -25.23 1.18 5.75
C GLU B 572 -24.56 -0.09 5.28
N ASN B 573 -23.48 -0.50 5.93
CA ASN B 573 -22.60 -1.54 5.41
C ASN B 573 -22.44 -2.65 6.40
N LYS B 574 -21.89 -3.76 5.92
CA LYS B 574 -21.40 -4.80 6.80
C LYS B 574 -20.17 -4.27 7.59
N VAL B 575 -19.85 -4.88 8.72
CA VAL B 575 -18.69 -4.44 9.53
C VAL B 575 -17.34 -4.62 8.82
N PHE B 576 -17.24 -5.61 7.95
CA PHE B 576 -16.00 -5.87 7.25
C PHE B 576 -15.64 -4.64 6.40
N GLY B 577 -14.36 -4.31 6.40
CA GLY B 577 -13.85 -3.10 5.74
C GLY B 577 -13.70 -1.88 6.64
N LEU B 578 -14.47 -1.80 7.73
CA LEU B 578 -14.31 -0.68 8.66
C LEU B 578 -12.89 -0.68 9.26
N ASP B 579 -12.27 -1.86 9.32
CA ASP B 579 -10.94 -1.99 9.89
C ASP B 579 -9.92 -1.10 9.23
N THR B 580 -10.00 -0.99 7.89
CA THR B 580 -9.07 -0.13 7.16
C THR B 580 -9.22 1.33 7.60
N VAL B 581 -10.44 1.75 7.90
CA VAL B 581 -10.64 3.14 8.34
C VAL B 581 -10.14 3.33 9.78
N ASP B 582 -10.34 2.33 10.62
CA ASP B 582 -9.77 2.36 11.94
C ASP B 582 -8.25 2.53 11.88
N ILE B 583 -7.62 1.79 10.98
CA ILE B 583 -6.19 1.83 10.85
C ILE B 583 -5.77 3.21 10.41
N ARG B 584 -6.39 3.72 9.35
CA ARG B 584 -6.05 5.01 8.79
C ARG B 584 -6.23 6.15 9.81
N MET B 585 -7.38 6.18 10.48
CA MET B 585 -7.65 7.22 11.46
C MET B 585 -6.80 7.06 12.71
N GLY B 586 -6.62 5.81 13.16
CA GLY B 586 -5.72 5.53 14.26
C GLY B 586 -4.32 6.08 13.98
N GLY B 587 -3.83 5.82 12.77
CA GLY B 587 -2.51 6.32 12.36
C GLY B 587 -2.45 7.84 12.31
N LEU B 588 -3.50 8.50 11.79
CA LEU B 588 -3.58 9.97 11.81
C LEU B 588 -3.51 10.56 13.21
N LEU B 589 -4.27 9.96 14.12
CA LEU B 589 -4.27 10.35 15.53
C LEU B 589 -2.89 10.26 16.17
N GLN B 590 -2.21 9.16 15.90
CA GLN B 590 -0.88 8.95 16.40
C GLN B 590 0.13 9.97 15.83
N ARG B 591 -0.04 10.31 14.56
CA ARG B 591 0.77 11.36 13.94
C ARG B 591 0.51 12.75 14.56
N ILE B 592 -0.71 13.02 14.97
CA ILE B 592 -0.98 14.26 15.70
C ILE B 592 -0.27 14.23 17.06
N LYS B 593 -0.30 13.10 17.75
CA LYS B 593 0.50 12.94 18.97
C LYS B 593 2.00 13.18 18.73
N ARG B 594 2.52 12.72 17.61
CA ARG B 594 3.92 12.97 17.29
C ARG B 594 4.21 14.47 17.14
N ALA B 595 3.32 15.19 16.46
CA ALA B 595 3.43 16.64 16.37
C ALA B 595 3.47 17.30 17.74
N GLU B 596 2.60 16.83 18.64
CA GLU B 596 2.60 17.33 20.03
C GLU B 596 3.96 17.03 20.72
N SER B 597 4.42 15.78 20.61
CA SER B 597 5.63 15.37 21.33
C SER B 597 6.91 16.02 20.74
N ARG B 598 7.02 16.07 19.42
CA ARG B 598 8.19 16.72 18.80
C ARG B 598 8.29 18.19 19.21
N ILE B 599 7.15 18.88 19.22
CA ILE B 599 7.14 20.29 19.62
C ILE B 599 7.56 20.41 21.08
N GLU B 600 7.03 19.52 21.92
CA GLU B 600 7.38 19.54 23.36
C GLU B 600 8.88 19.34 23.56
N VAL B 601 9.45 18.35 22.87
CA VAL B 601 10.88 18.11 22.99
C VAL B 601 11.67 19.37 22.60
N TYR B 602 11.24 20.00 21.51
CA TYR B 602 11.85 21.24 21.06
C TYR B 602 11.69 22.37 22.07
N LEU B 603 10.48 22.53 22.59
CA LEU B 603 10.21 23.53 23.62
C LEU B 603 11.04 23.34 24.88
N ALA B 604 11.29 22.07 25.24
CA ALA B 604 12.14 21.73 26.36
C ALA B 604 13.63 22.01 26.12
N GLY B 605 13.99 22.43 24.91
CA GLY B 605 15.39 22.71 24.57
C GLY B 605 16.21 21.46 24.29
N GLN B 606 15.57 20.30 24.23
CA GLN B 606 16.27 19.07 23.91
C GLN B 606 16.37 18.80 22.41
N LEU B 607 16.10 19.80 21.57
CA LEU B 607 16.38 19.75 20.13
C LEU B 607 16.74 21.16 19.68
N ASP B 608 17.73 21.29 18.81
CA ASP B 608 18.04 22.59 18.25
C ASP B 608 17.13 22.94 17.08
N ARG B 609 16.60 21.93 16.40
CA ARG B 609 15.78 22.13 15.21
C ARG B 609 14.75 21.00 15.13
N ILE B 610 13.61 21.29 14.53
CA ILE B 610 12.65 20.25 14.23
C ILE B 610 12.82 19.99 12.74
N ASP B 611 13.57 18.93 12.42
CA ASP B 611 13.96 18.67 11.03
C ASP B 611 12.77 18.60 10.08
N GLU B 612 11.63 18.08 10.54
CA GLU B 612 10.45 18.00 9.67
C GLU B 612 10.12 19.39 9.12
N LEU B 613 10.25 20.40 9.97
CA LEU B 613 9.82 21.73 9.62
C LEU B 613 10.87 22.50 8.79
N GLU B 614 12.05 21.93 8.59
CA GLU B 614 13.10 22.59 7.82
C GLU B 614 12.96 22.19 6.35
N VAL B 615 12.05 21.29 6.03
CA VAL B 615 11.82 20.89 4.65
C VAL B 615 10.81 21.82 3.98
N GLU B 616 11.21 22.37 2.85
CA GLU B 616 10.33 23.21 2.07
C GLU B 616 9.27 22.40 1.31
N ILE B 617 8.03 22.85 1.37
CA ILE B 617 6.91 22.11 0.82
C ILE B 617 6.74 22.41 -0.65
N LEU B 618 6.70 21.38 -1.47
CA LEU B 618 6.52 21.48 -2.91
C LEU B 618 5.06 21.20 -3.25
N PRO B 619 4.63 21.54 -4.47
CA PRO B 619 3.32 21.06 -4.94
C PRO B 619 3.27 19.54 -4.83
N PHE B 620 2.12 19.04 -4.39
CA PHE B 620 1.87 17.61 -4.29
C PHE B 620 1.76 16.95 -5.66
N THR B 621 1.12 17.65 -6.59
CA THR B 621 0.96 17.22 -7.97
C THR B 621 0.74 18.45 -8.87
N ASP B 622 1.10 18.33 -10.14
CA ASP B 622 0.87 19.43 -11.09
C ASP B 622 -0.42 19.24 -11.91
N PHE B 623 -1.30 18.34 -11.48
CA PHE B 623 -2.48 17.98 -12.27
C PHE B 623 -3.29 19.23 -12.63
N TYR B 624 -3.47 20.11 -11.66
CA TYR B 624 -4.21 21.37 -11.89
C TYR B 624 -3.35 22.60 -11.67
N ALA B 625 -2.05 22.46 -11.92
CA ALA B 625 -1.07 23.54 -11.74
C ALA B 625 -1.37 24.74 -12.62
N ASP B 626 -1.93 24.50 -13.79
CA ASP B 626 -2.21 25.59 -14.75
C ASP B 626 -3.46 26.44 -14.38
N LYS B 627 -4.17 26.06 -13.33
CA LYS B 627 -5.42 26.74 -12.98
C LYS B 627 -5.19 27.83 -11.97
N ASP B 628 -6.20 28.67 -11.78
CA ASP B 628 -6.13 29.79 -10.85
C ASP B 628 -6.22 29.37 -9.39
N PHE B 629 -6.91 28.29 -9.13
CA PHE B 629 -7.09 27.82 -7.73
C PHE B 629 -5.90 27.00 -7.26
N ALA B 630 -5.80 26.81 -5.94
CA ALA B 630 -4.70 26.06 -5.35
C ALA B 630 -5.06 24.59 -5.16
N ALA B 631 -6.37 24.28 -5.04
CA ALA B 631 -6.82 22.90 -4.75
C ALA B 631 -6.43 21.95 -5.85
N THR B 632 -6.51 20.66 -5.54
CA THR B 632 -6.13 19.63 -6.48
C THR B 632 -6.92 18.33 -6.24
N THR B 633 -6.45 17.27 -6.88
CA THR B 633 -7.01 15.96 -6.71
C THR B 633 -5.95 15.06 -6.08
N ALA B 634 -6.32 14.37 -5.01
CA ALA B 634 -5.40 13.44 -4.35
C ALA B 634 -6.25 12.41 -3.64
N ASN B 635 -6.28 11.20 -4.20
CA ASN B 635 -7.24 10.21 -3.78
C ASN B 635 -6.70 8.81 -3.44
N GLN B 636 -5.48 8.78 -2.94
CA GLN B 636 -4.87 7.57 -2.40
C GLN B 636 -4.41 7.88 -0.98
N TRP B 637 -5.02 7.22 0.00
CA TRP B 637 -4.76 7.49 1.42
C TRP B 637 -3.25 7.43 1.71
N HIS B 638 -2.60 6.38 1.20
CA HIS B 638 -1.21 6.10 1.51
C HIS B 638 -0.25 7.16 1.00
N THR B 639 -0.62 7.87 -0.06
CA THR B 639 0.22 8.99 -0.51
C THR B 639 -0.22 10.35 0.06
N ILE B 640 -1.44 10.45 0.59
CA ILE B 640 -1.85 11.65 1.34
C ILE B 640 -1.15 11.70 2.67
N ALA B 641 -1.07 10.54 3.33
CA ALA B 641 -0.67 10.48 4.72
C ALA B 641 0.86 10.54 4.97
N THR B 642 1.67 10.14 3.99
CA THR B 642 3.13 10.15 4.16
C THR B 642 3.87 10.10 2.83
N ALA B 643 5.06 10.69 2.82
CA ALA B 643 6.02 10.60 1.73
C ALA B 643 6.98 9.42 1.88
N SER B 644 6.94 8.75 3.03
CA SER B 644 7.73 7.55 3.23
C SER B 644 7.12 6.36 2.48
N THR B 645 7.83 5.24 2.43
CA THR B 645 7.25 4.02 1.91
C THR B 645 6.31 3.50 2.99
N ILE B 646 5.29 2.79 2.57
CA ILE B 646 4.36 2.19 3.53
C ILE B 646 3.79 0.86 3.06
N TYR B 647 3.59 0.67 1.76
CA TYR B 647 3.16 -0.66 1.29
C TYR B 647 4.24 -1.41 0.50
N THR B 648 5.22 -0.69 -0.03
CA THR B 648 6.30 -1.30 -0.79
C THR B 648 7.33 -1.95 0.13
N THR B 649 8.10 -2.85 -0.47
CA THR B 649 9.17 -3.58 0.21
C THR B 649 10.51 -2.85 0.09
#